data_5JFI
#
_entry.id   5JFI
#
_cell.length_a   92.445
_cell.length_b   92.445
_cell.length_c   252.615
_cell.angle_alpha   90.00
_cell.angle_beta   90.00
_cell.angle_gamma   90.00
#
_symmetry.space_group_name_H-M   'P 41'
#
loop_
_entity.id
_entity.type
_entity.pdbx_description
1 polymer 'Leucine-rich repeat receptor-like protein kinase TDR'
2 polymer CLE41
3 non-polymer 2-acetamido-2-deoxy-beta-D-glucopyranose
4 water water
#
loop_
_entity_poly.entity_id
_entity_poly.type
_entity_poly.pdbx_seq_one_letter_code
_entity_poly.pdbx_strand_id
1 'polypeptide(L)'
;LKFSPQLLSLLSLKTSLSGPPSAFQDWKVPVNGQNDAVWCSWSGVVCDNVTAQVISLDLSHRNLSGRIPIQIRYLSSLLY
LNLSGNSLEGSFPTSIFDLTKLTTLDISRNSFDSSFPPGISKLKFLKVFNAFSNNFEGLLPSDVSRLRFLEELNFGGSYF
EGEIPAAYGGLQRLKFIHLAGNVLGGKLPPRLGLLTELQHMEIGYNHFNGNIPSEFALLSNLKYFDVSNCSLSGSLPQEL
GNLSNLETLFLFQNGFTGEIPESYSNLKSLKLLDFSSNQLSGSIPSGFSTLKNLTWLSLISNNLSGEVPEGIGELPELTT
LFLWNNNFTGVLPHKLGSNGKLETMDVSNNSFTGTIPSSLCHGNKLYKLILFSNMFEGELPKSLTRCESLWRFRSQNNRL
NGTIPIGFGSLRNLTFVDLSNNRFTDQIPADFATAPVLQYLNLSTNFFHRKLPENIWKAPNLQIFSASFSNLIGEIPNYV
GCKSFYRIELQGNSLNGTIPWDIGHCEKLLCLNLSQNHLNGIIPWEISTLPSIADVDLSHNLLTGTIPSDFGSSKTITTF
NVSYNQLIGPIPSGSFAHLNPSFFSSNEGLCGDLVGKPCNSDRFNAGNADIDG
;
A,B
2 'polypeptide(L)' HEV(HYP)SG(HYP)NPISN C,D
#
loop_
_chem_comp.id
_chem_comp.type
_chem_comp.name
_chem_comp.formula
NAG D-saccharide, beta linking 2-acetamido-2-deoxy-beta-D-glucopyranose 'C8 H15 N O6'
#
# COMPACT_ATOMS: atom_id res chain seq x y z
N LEU A 11 -20.21 0.88 -38.43
CA LEU A 11 -20.08 1.50 -39.76
C LEU A 11 -19.77 3.01 -39.67
N SER A 12 -18.90 3.42 -38.74
CA SER A 12 -18.51 4.81 -38.50
C SER A 12 -17.03 5.01 -38.86
N LEU A 13 -16.47 6.17 -38.47
CA LEU A 13 -15.11 6.61 -38.85
C LEU A 13 -14.69 6.17 -40.23
N LYS A 14 -15.60 6.30 -41.22
CA LYS A 14 -15.39 5.92 -42.63
C LYS A 14 -14.94 4.47 -42.77
N THR A 15 -15.64 3.57 -42.07
CA THR A 15 -15.33 2.13 -42.08
C THR A 15 -15.60 1.58 -43.48
N SER A 16 -16.86 1.51 -43.88
CA SER A 16 -17.17 1.18 -45.27
C SER A 16 -17.22 2.50 -46.01
N LEU A 17 -16.45 2.57 -47.10
CA LEU A 17 -16.47 3.69 -48.02
C LEU A 17 -17.91 4.14 -48.19
N SER A 18 -18.81 3.17 -48.43
CA SER A 18 -20.24 3.39 -48.58
C SER A 18 -20.50 4.24 -49.82
N LYS A 28 -9.71 6.62 -53.38
CA LYS A 28 -11.04 6.93 -53.89
C LYS A 28 -11.64 8.15 -53.22
N VAL A 29 -11.91 8.09 -51.91
CA VAL A 29 -12.54 9.21 -51.21
C VAL A 29 -12.11 9.15 -49.73
N PRO A 30 -12.81 9.76 -48.73
CA PRO A 30 -12.13 10.04 -47.48
C PRO A 30 -12.21 8.97 -46.39
N VAL A 31 -11.20 8.97 -45.53
CA VAL A 31 -11.06 8.05 -44.41
C VAL A 31 -10.46 8.90 -43.31
N ASN A 32 -10.33 10.19 -43.61
CA ASN A 32 -9.71 11.13 -42.70
C ASN A 32 -10.78 12.02 -42.09
N GLY A 33 -11.32 11.56 -40.96
CA GLY A 33 -12.36 12.17 -40.17
C GLY A 33 -11.89 13.04 -39.03
N GLN A 34 -10.59 13.32 -39.00
CA GLN A 34 -9.91 14.00 -37.91
C GLN A 34 -9.74 15.49 -38.25
N ASN A 35 -8.75 16.12 -37.63
CA ASN A 35 -8.29 17.48 -37.89
C ASN A 35 -9.24 18.57 -37.47
N ASP A 36 -9.01 19.18 -36.29
CA ASP A 36 -9.95 20.06 -35.60
C ASP A 36 -10.53 20.99 -36.65
N ALA A 37 -11.27 20.40 -37.58
CA ALA A 37 -12.01 21.11 -38.59
C ALA A 37 -13.47 21.01 -38.25
N VAL A 38 -14.20 21.70 -39.02
CA VAL A 38 -15.59 21.80 -38.80
C VAL A 38 -16.33 20.83 -39.73
N TRP A 39 -17.54 20.43 -39.34
CA TRP A 39 -18.33 19.39 -40.01
C TRP A 39 -18.90 19.83 -41.38
N CYS A 40 -20.20 19.59 -41.65
CA CYS A 40 -20.91 19.80 -42.93
C CYS A 40 -20.10 19.51 -44.14
N SER A 41 -19.06 20.29 -44.31
CA SER A 41 -18.47 20.26 -45.61
C SER A 41 -17.31 19.31 -45.57
N TRP A 42 -16.67 19.23 -44.41
CA TRP A 42 -15.85 18.06 -44.15
C TRP A 42 -16.76 16.87 -43.97
N SER A 43 -17.88 17.08 -43.26
CA SER A 43 -19.00 16.16 -43.26
C SER A 43 -19.67 16.14 -44.62
N GLY A 44 -20.95 16.49 -44.69
CA GLY A 44 -21.69 16.47 -45.93
C GLY A 44 -21.23 15.61 -47.09
N VAL A 45 -19.93 15.40 -47.34
CA VAL A 45 -19.53 14.35 -48.27
C VAL A 45 -19.87 12.99 -47.70
N VAL A 46 -19.66 12.81 -46.39
CA VAL A 46 -20.06 11.57 -45.72
C VAL A 46 -21.51 11.25 -46.02
N CYS A 47 -22.37 12.27 -46.07
CA CYS A 47 -23.75 11.94 -46.37
C CYS A 47 -23.98 11.72 -47.86
N ASP A 48 -23.35 12.50 -48.75
CA ASP A 48 -23.73 12.33 -50.15
C ASP A 48 -23.23 11.00 -50.68
N ASN A 49 -22.28 10.38 -49.99
CA ASN A 49 -22.18 8.94 -50.16
C ASN A 49 -23.51 8.44 -49.60
N VAL A 50 -24.51 8.48 -50.49
CA VAL A 50 -25.93 8.33 -50.18
C VAL A 50 -26.17 7.10 -49.30
N THR A 51 -25.80 5.92 -49.79
CA THR A 51 -25.81 4.62 -49.13
C THR A 51 -26.90 4.28 -48.13
N ALA A 52 -27.53 3.10 -48.32
CA ALA A 52 -28.39 2.47 -47.33
C ALA A 52 -27.60 1.45 -46.49
N GLN A 53 -26.27 1.43 -46.67
CA GLN A 53 -25.29 0.64 -45.95
C GLN A 53 -24.91 1.18 -44.56
N VAL A 54 -25.32 2.38 -44.17
CA VAL A 54 -24.76 3.00 -42.97
C VAL A 54 -25.77 2.91 -41.81
N ILE A 55 -25.48 2.09 -40.80
CA ILE A 55 -26.41 1.89 -39.70
C ILE A 55 -25.92 2.49 -38.39
N SER A 56 -24.64 2.84 -38.29
CA SER A 56 -24.10 3.48 -37.10
C SER A 56 -23.16 4.57 -37.56
N LEU A 57 -23.30 5.76 -36.97
CA LEU A 57 -22.40 6.88 -37.25
C LEU A 57 -21.98 7.49 -35.92
N ASP A 58 -20.68 7.49 -35.66
CA ASP A 58 -20.09 7.92 -34.39
C ASP A 58 -19.10 9.02 -34.68
N LEU A 59 -19.50 10.28 -34.48
CA LEU A 59 -18.63 11.42 -34.68
C LEU A 59 -18.27 12.09 -33.37
N SER A 60 -18.25 11.32 -32.29
CA SER A 60 -17.97 11.88 -30.97
C SER A 60 -16.49 12.26 -30.83
N HIS A 61 -16.25 13.30 -30.04
CA HIS A 61 -14.92 13.74 -29.64
C HIS A 61 -13.95 13.87 -30.83
N ARG A 62 -14.39 14.66 -31.81
CA ARG A 62 -13.55 15.01 -32.95
C ARG A 62 -13.29 16.50 -33.01
N ASN A 63 -13.62 17.24 -31.94
CA ASN A 63 -13.41 18.69 -31.84
C ASN A 63 -14.18 19.43 -32.93
N LEU A 64 -15.30 18.90 -33.36
CA LEU A 64 -16.00 19.53 -34.45
C LEU A 64 -16.92 20.63 -33.94
N SER A 65 -17.28 21.54 -34.85
CA SER A 65 -18.03 22.75 -34.57
C SER A 65 -19.05 22.98 -35.68
N GLY A 66 -20.35 23.35 -35.30
CA GLY A 66 -21.38 23.81 -36.21
C GLY A 66 -22.80 23.23 -36.08
N ARG A 67 -23.41 23.08 -37.26
CA ARG A 67 -24.80 22.74 -37.61
C ARG A 67 -24.93 21.36 -38.26
N ILE A 68 -26.04 20.69 -38.13
CA ILE A 68 -26.11 19.45 -38.93
C ILE A 68 -26.67 19.76 -40.32
N PRO A 69 -26.03 19.26 -41.38
CA PRO A 69 -26.50 19.52 -42.77
C PRO A 69 -27.87 18.90 -43.01
N ILE A 70 -28.71 19.58 -43.79
CA ILE A 70 -29.99 19.03 -44.23
C ILE A 70 -29.83 17.62 -44.77
N GLN A 71 -28.77 17.36 -45.54
CA GLN A 71 -28.71 16.10 -46.27
C GLN A 71 -28.54 14.86 -45.39
N ILE A 72 -28.37 14.98 -44.07
CA ILE A 72 -28.21 13.75 -43.28
C ILE A 72 -29.46 12.89 -43.36
N ARG A 73 -30.61 13.47 -43.72
CA ARG A 73 -31.82 12.69 -43.92
C ARG A 73 -31.61 11.49 -44.84
N TYR A 74 -30.53 11.47 -45.62
CA TYR A 74 -30.32 10.39 -46.58
C TYR A 74 -29.62 9.17 -45.99
N LEU A 75 -29.15 9.25 -44.74
CA LEU A 75 -28.67 8.06 -44.02
C LEU A 75 -29.85 7.33 -43.39
N SER A 76 -30.75 6.85 -44.25
CA SER A 76 -32.08 6.43 -43.85
C SER A 76 -32.08 5.15 -43.03
N SER A 77 -30.96 4.43 -42.98
CA SER A 77 -30.88 3.16 -42.27
C SER A 77 -30.19 3.30 -40.91
N LEU A 78 -29.92 4.53 -40.47
CA LEU A 78 -29.18 4.74 -39.24
C LEU A 78 -29.95 4.22 -38.04
N LEU A 79 -29.24 3.51 -37.17
CA LEU A 79 -29.72 3.08 -35.87
C LEU A 79 -29.03 3.82 -34.73
N TYR A 80 -27.72 4.07 -34.89
CA TYR A 80 -26.89 4.66 -33.85
C TYR A 80 -26.31 5.96 -34.39
N LEU A 81 -26.50 7.04 -33.65
CA LEU A 81 -25.92 8.33 -34.02
C LEU A 81 -25.37 8.98 -32.75
N ASN A 82 -24.06 9.20 -32.68
CA ASN A 82 -23.53 9.82 -31.48
C ASN A 82 -22.64 10.98 -31.93
N LEU A 83 -23.03 12.19 -31.54
CA LEU A 83 -22.28 13.39 -31.91
C LEU A 83 -21.79 14.12 -30.68
N SER A 84 -21.70 13.40 -29.56
CA SER A 84 -21.47 14.02 -28.27
C SER A 84 -20.02 14.47 -28.13
N GLY A 85 -19.82 15.46 -27.28
CA GLY A 85 -18.48 15.91 -26.97
C GLY A 85 -17.81 16.61 -28.12
N ASN A 86 -18.54 17.50 -28.79
CA ASN A 86 -17.97 18.39 -29.77
C ASN A 86 -18.37 19.80 -29.38
N SER A 87 -18.41 20.67 -30.36
CA SER A 87 -18.79 22.07 -30.20
C SER A 87 -19.94 22.43 -31.11
N LEU A 88 -20.78 21.45 -31.49
CA LEU A 88 -21.93 21.72 -32.35
C LEU A 88 -22.77 22.87 -31.82
N GLU A 89 -23.31 23.69 -32.73
CA GLU A 89 -24.02 24.88 -32.29
C GLU A 89 -25.30 25.07 -33.11
N GLY A 90 -26.00 26.16 -32.82
CA GLY A 90 -27.29 26.39 -33.42
C GLY A 90 -28.39 25.63 -32.72
N SER A 91 -29.61 25.86 -33.20
CA SER A 91 -30.74 25.14 -32.64
C SER A 91 -30.69 23.69 -33.11
N PHE A 92 -31.51 22.85 -32.50
CA PHE A 92 -31.51 21.45 -32.86
C PHE A 92 -31.94 21.24 -34.31
N PRO A 93 -31.21 20.41 -35.08
CA PRO A 93 -31.56 20.14 -36.47
C PRO A 93 -32.68 19.11 -36.60
N THR A 94 -33.85 19.58 -37.02
CA THR A 94 -34.98 18.67 -37.15
C THR A 94 -34.82 17.67 -38.28
N SER A 95 -33.77 17.80 -39.10
CA SER A 95 -33.49 16.80 -40.13
C SER A 95 -33.28 15.42 -39.52
N ILE A 96 -32.62 15.37 -38.36
CA ILE A 96 -32.40 14.11 -37.66
C ILE A 96 -33.74 13.40 -37.38
N PHE A 97 -34.82 14.15 -37.19
CA PHE A 97 -36.12 13.51 -36.99
C PHE A 97 -36.58 12.73 -38.20
N ASP A 98 -35.91 12.92 -39.36
CA ASP A 98 -36.22 12.10 -40.52
C ASP A 98 -35.48 10.76 -40.50
N LEU A 99 -34.60 10.53 -39.53
CA LEU A 99 -33.95 9.23 -39.39
C LEU A 99 -34.86 8.26 -38.64
N THR A 100 -35.88 7.79 -39.35
CA THR A 100 -36.99 7.08 -38.70
C THR A 100 -36.58 5.76 -38.05
N LYS A 101 -35.43 5.21 -38.43
CA LYS A 101 -34.94 3.97 -37.84
C LYS A 101 -34.02 4.20 -36.65
N LEU A 102 -33.72 5.46 -36.30
CA LEU A 102 -32.82 5.76 -35.19
C LEU A 102 -33.26 5.06 -33.93
N THR A 103 -32.31 4.41 -33.26
CA THR A 103 -32.59 3.69 -32.02
C THR A 103 -31.95 4.35 -30.80
N THR A 104 -30.70 4.84 -30.89
CA THR A 104 -30.08 5.62 -29.84
C THR A 104 -29.53 6.89 -30.47
N LEU A 105 -29.70 8.01 -29.77
CA LEU A 105 -29.23 9.32 -30.24
C LEU A 105 -28.52 10.02 -29.09
N ASP A 106 -27.22 10.23 -29.25
CA ASP A 106 -26.39 10.89 -28.24
C ASP A 106 -25.90 12.23 -28.78
N ILE A 107 -26.42 13.30 -28.18
CA ILE A 107 -26.16 14.68 -28.55
C ILE A 107 -25.52 15.47 -27.41
N SER A 108 -25.23 14.81 -26.29
CA SER A 108 -24.79 15.46 -25.06
C SER A 108 -23.46 16.20 -25.26
N ARG A 109 -23.18 17.11 -24.34
CA ARG A 109 -21.94 17.90 -24.35
C ARG A 109 -21.68 18.56 -25.70
N ASN A 110 -22.59 19.46 -26.05
CA ASN A 110 -22.43 20.33 -27.20
C ASN A 110 -22.92 21.72 -26.82
N SER A 111 -23.18 22.56 -27.82
CA SER A 111 -23.55 23.95 -27.60
C SER A 111 -24.90 24.28 -28.24
N PHE A 112 -25.74 23.27 -28.49
CA PHE A 112 -27.05 23.51 -29.06
C PHE A 112 -27.87 24.44 -28.17
N ASP A 113 -28.57 25.39 -28.76
CA ASP A 113 -29.35 26.37 -28.00
C ASP A 113 -30.74 26.49 -28.58
N SER A 114 -31.52 27.43 -28.01
CA SER A 114 -32.90 27.75 -28.38
C SER A 114 -33.88 26.70 -27.86
N SER A 115 -35.19 26.97 -28.00
CA SER A 115 -36.19 26.00 -27.61
C SER A 115 -36.04 24.71 -28.40
N PHE A 116 -36.26 23.59 -27.73
CA PHE A 116 -36.14 22.31 -28.43
C PHE A 116 -37.28 22.19 -29.42
N PRO A 117 -36.99 21.97 -30.71
CA PRO A 117 -38.07 22.00 -31.72
C PRO A 117 -38.94 20.75 -31.63
N PRO A 118 -40.21 20.86 -31.98
CA PRO A 118 -41.06 19.67 -32.00
C PRO A 118 -40.75 18.76 -33.18
N GLY A 119 -41.10 17.48 -32.99
CA GLY A 119 -40.97 16.48 -34.02
C GLY A 119 -40.19 15.23 -33.68
N ILE A 120 -39.75 15.07 -32.42
CA ILE A 120 -39.04 13.85 -32.04
C ILE A 120 -39.96 12.62 -32.13
N SER A 121 -41.28 12.83 -32.09
CA SER A 121 -42.26 11.75 -32.25
C SER A 121 -41.91 10.81 -33.39
N LYS A 122 -41.46 11.35 -34.54
CA LYS A 122 -41.27 10.47 -35.69
C LYS A 122 -40.12 9.49 -35.47
N LEU A 123 -39.29 9.72 -34.45
CA LEU A 123 -38.32 8.71 -34.04
C LEU A 123 -39.02 7.72 -33.11
N LYS A 124 -39.93 6.96 -33.72
CA LYS A 124 -40.86 6.17 -32.91
C LYS A 124 -40.16 5.03 -32.19
N PHE A 125 -39.06 4.51 -32.75
CA PHE A 125 -38.33 3.44 -32.10
C PHE A 125 -37.15 3.94 -31.28
N LEU A 126 -37.14 5.22 -30.91
CA LEU A 126 -36.01 5.73 -30.16
C LEU A 126 -36.05 5.17 -28.75
N LYS A 127 -34.90 4.68 -28.30
CA LYS A 127 -34.74 3.97 -27.04
C LYS A 127 -33.79 4.69 -26.10
N VAL A 128 -32.87 5.48 -26.62
CA VAL A 128 -31.93 6.26 -25.83
C VAL A 128 -31.79 7.64 -26.45
N PHE A 129 -31.98 8.67 -25.62
CA PHE A 129 -31.77 10.06 -26.02
C PHE A 129 -30.98 10.73 -24.91
N ASN A 130 -29.73 11.09 -25.21
CA ASN A 130 -28.90 11.81 -24.25
C ASN A 130 -28.49 13.15 -24.83
N ALA A 131 -28.94 14.24 -24.18
CA ALA A 131 -28.60 15.59 -24.58
C ALA A 131 -28.00 16.37 -23.41
N PHE A 132 -27.46 15.68 -22.42
CA PHE A 132 -26.94 16.31 -21.22
C PHE A 132 -25.81 17.27 -21.56
N SER A 133 -25.83 18.45 -20.94
CA SER A 133 -24.87 19.55 -21.14
C SER A 133 -24.99 20.18 -22.52
N ASN A 134 -25.88 21.16 -22.62
CA ASN A 134 -26.13 21.90 -23.84
C ASN A 134 -26.48 23.34 -23.46
N ASN A 135 -27.06 24.06 -24.41
CA ASN A 135 -27.47 25.44 -24.18
C ASN A 135 -28.96 25.60 -24.42
N PHE A 136 -29.75 24.54 -24.27
CA PHE A 136 -31.17 24.64 -24.58
C PHE A 136 -31.90 25.57 -23.61
N GLU A 137 -32.92 26.27 -24.11
CA GLU A 137 -33.75 27.05 -23.23
C GLU A 137 -35.21 26.79 -23.57
N GLY A 138 -36.10 27.53 -22.93
CA GLY A 138 -37.52 27.29 -23.12
C GLY A 138 -38.01 26.08 -22.35
N LEU A 139 -39.20 25.62 -22.75
CA LEU A 139 -39.89 24.53 -22.10
C LEU A 139 -39.34 23.19 -22.56
N LEU A 140 -39.33 22.22 -21.65
CA LEU A 140 -39.04 20.85 -22.04
C LEU A 140 -40.03 20.42 -23.11
N PRO A 141 -39.59 19.73 -24.15
CA PRO A 141 -40.50 19.35 -25.22
C PRO A 141 -41.57 18.36 -24.78
N SER A 142 -42.82 18.81 -24.67
CA SER A 142 -43.91 17.87 -24.39
C SER A 142 -44.03 16.77 -25.43
N ASP A 143 -43.46 16.99 -26.62
CA ASP A 143 -43.52 16.02 -27.71
C ASP A 143 -42.97 14.64 -27.33
N VAL A 144 -41.89 14.57 -26.53
CA VAL A 144 -41.23 13.29 -26.22
C VAL A 144 -42.14 12.30 -25.47
N SER A 145 -43.17 12.78 -24.75
CA SER A 145 -44.07 11.86 -24.06
C SER A 145 -44.68 10.84 -25.00
N ARG A 146 -44.42 10.95 -26.30
CA ARG A 146 -44.97 10.07 -27.31
C ARG A 146 -43.98 9.02 -27.80
N LEU A 147 -42.80 8.91 -27.21
CA LEU A 147 -41.84 7.87 -27.60
C LEU A 147 -42.07 6.67 -26.70
N ARG A 148 -42.81 5.73 -27.23
CA ARG A 148 -43.37 4.67 -26.42
C ARG A 148 -42.38 3.53 -26.16
N PHE A 149 -41.22 3.54 -26.80
CA PHE A 149 -40.18 2.56 -26.52
C PHE A 149 -39.03 3.11 -25.69
N LEU A 150 -39.03 4.40 -25.37
CA LEU A 150 -37.83 5.03 -24.84
C LEU A 150 -37.53 4.52 -23.44
N GLU A 151 -36.24 4.39 -23.12
CA GLU A 151 -35.78 3.83 -21.85
C GLU A 151 -34.88 4.75 -21.05
N GLU A 152 -34.10 5.61 -21.69
CA GLU A 152 -33.23 6.59 -21.06
C GLU A 152 -33.51 7.97 -21.62
N LEU A 153 -33.68 8.96 -20.74
CA LEU A 153 -33.83 10.34 -21.18
C LEU A 153 -32.95 11.22 -20.31
N ASN A 154 -32.07 12.00 -20.94
CA ASN A 154 -31.14 12.84 -20.21
C ASN A 154 -31.17 14.25 -20.82
N PHE A 155 -31.85 15.15 -20.13
CA PHE A 155 -31.95 16.56 -20.52
C PHE A 155 -31.28 17.45 -19.47
N GLY A 156 -30.45 16.89 -18.61
CA GLY A 156 -29.75 17.69 -17.64
C GLY A 156 -28.73 18.62 -18.29
N GLY A 157 -28.32 19.61 -17.50
CA GLY A 157 -27.16 20.40 -17.89
C GLY A 157 -27.39 21.49 -18.89
N SER A 158 -28.61 22.00 -19.00
CA SER A 158 -28.88 23.13 -19.87
C SER A 158 -29.56 24.27 -19.14
N TYR A 159 -30.42 25.00 -19.85
CA TYR A 159 -31.10 26.16 -19.29
C TYR A 159 -32.59 26.01 -19.51
N PHE A 160 -33.10 24.79 -19.32
CA PHE A 160 -34.52 24.51 -19.50
C PHE A 160 -35.34 25.21 -18.43
N GLU A 161 -36.52 25.68 -18.83
CA GLU A 161 -37.38 26.50 -18.00
C GLU A 161 -38.77 25.86 -17.88
N GLY A 162 -39.49 26.27 -16.84
CA GLY A 162 -40.85 25.79 -16.66
C GLY A 162 -40.97 24.55 -15.81
N GLU A 163 -42.12 23.91 -15.97
CA GLU A 163 -42.46 22.73 -15.19
C GLU A 163 -42.04 21.47 -15.92
N ILE A 164 -42.08 20.36 -15.19
CA ILE A 164 -41.95 19.05 -15.81
C ILE A 164 -43.29 18.67 -16.42
N PRO A 165 -43.33 18.36 -17.72
CA PRO A 165 -44.60 17.99 -18.36
C PRO A 165 -45.18 16.75 -17.69
N ALA A 166 -46.39 16.90 -17.13
CA ALA A 166 -47.03 15.78 -16.46
C ALA A 166 -47.17 14.57 -17.37
N ALA A 167 -47.19 14.78 -18.69
CA ALA A 167 -47.29 13.70 -19.67
C ALA A 167 -46.02 12.87 -19.81
N TYR A 168 -44.90 13.30 -19.22
CA TYR A 168 -43.72 12.43 -19.20
C TYR A 168 -43.96 11.21 -18.32
N GLY A 169 -45.03 11.22 -17.54
CA GLY A 169 -45.43 10.07 -16.77
C GLY A 169 -46.08 8.97 -17.57
N GLY A 170 -46.38 9.23 -18.83
CA GLY A 170 -46.84 8.17 -19.71
C GLY A 170 -45.72 7.41 -20.35
N LEU A 171 -44.49 7.81 -20.08
CA LEU A 171 -43.34 7.12 -20.64
C LEU A 171 -43.18 5.81 -19.91
N GLN A 172 -44.12 4.89 -20.11
CA GLN A 172 -43.89 3.53 -19.69
C GLN A 172 -42.65 3.06 -20.41
N ARG A 173 -41.96 2.08 -19.80
CA ARG A 173 -40.77 1.47 -20.38
C ARG A 173 -39.55 2.25 -19.92
N LEU A 174 -39.76 3.50 -19.51
CA LEU A 174 -38.65 4.37 -19.15
C LEU A 174 -38.07 3.96 -17.79
N LYS A 175 -36.76 3.80 -17.73
CA LYS A 175 -36.09 3.36 -16.52
C LYS A 175 -35.05 4.35 -15.98
N PHE A 176 -34.63 5.34 -16.77
CA PHE A 176 -33.63 6.33 -16.37
C PHE A 176 -34.10 7.71 -16.81
N ILE A 177 -34.12 8.68 -15.89
CA ILE A 177 -34.45 10.04 -16.30
C ILE A 177 -33.52 11.01 -15.57
N HIS A 178 -32.96 11.94 -16.33
CA HIS A 178 -32.04 12.93 -15.78
C HIS A 178 -32.49 14.27 -16.30
N LEU A 179 -32.81 15.18 -15.37
CA LEU A 179 -33.13 16.55 -15.76
C LEU A 179 -32.47 17.52 -14.81
N ALA A 180 -31.51 17.04 -14.03
CA ALA A 180 -30.81 17.88 -13.07
C ALA A 180 -30.05 19.00 -13.77
N GLY A 181 -29.93 20.13 -13.08
CA GLY A 181 -29.08 21.20 -13.56
C GLY A 181 -29.68 22.00 -14.68
N ASN A 182 -30.91 22.46 -14.50
CA ASN A 182 -31.51 23.46 -15.37
C ASN A 182 -32.05 24.54 -14.47
N VAL A 183 -33.07 25.26 -14.92
CA VAL A 183 -33.73 26.24 -14.06
C VAL A 183 -35.23 25.97 -14.06
N LEU A 184 -35.58 24.70 -13.92
CA LEU A 184 -36.97 24.26 -13.85
C LEU A 184 -37.55 24.60 -12.48
N GLY A 185 -38.87 24.54 -12.38
CA GLY A 185 -39.52 24.86 -11.14
C GLY A 185 -40.96 24.42 -11.12
N GLY A 186 -41.72 25.05 -10.24
CA GLY A 186 -43.09 24.65 -9.98
C GLY A 186 -43.12 23.47 -9.04
N LYS A 187 -44.27 22.82 -8.97
CA LYS A 187 -44.39 21.61 -8.19
C LYS A 187 -44.06 20.39 -9.04
N LEU A 188 -43.50 19.38 -8.38
CA LEU A 188 -43.21 18.10 -9.02
C LEU A 188 -44.52 17.43 -9.46
N PRO A 189 -44.63 17.01 -10.72
CA PRO A 189 -45.87 16.42 -11.21
C PRO A 189 -46.15 15.09 -10.53
N PRO A 190 -47.30 14.98 -9.84
CA PRO A 190 -47.66 13.69 -9.22
C PRO A 190 -47.68 12.54 -10.21
N ARG A 191 -47.99 12.78 -11.49
CA ARG A 191 -48.17 11.70 -12.44
C ARG A 191 -46.87 10.92 -12.68
N LEU A 192 -45.70 11.53 -12.45
CA LEU A 192 -44.44 10.80 -12.67
C LEU A 192 -44.36 9.51 -11.87
N GLY A 193 -45.07 9.42 -10.75
CA GLY A 193 -45.09 8.20 -9.95
C GLY A 193 -45.61 6.96 -10.65
N LEU A 194 -46.11 7.09 -11.89
CA LEU A 194 -46.59 5.94 -12.63
C LEU A 194 -45.57 5.40 -13.60
N LEU A 195 -44.36 5.96 -13.62
CA LEU A 195 -43.29 5.37 -14.41
C LEU A 195 -42.92 4.04 -13.77
N THR A 196 -43.63 2.99 -14.19
CA THR A 196 -43.56 1.67 -13.60
C THR A 196 -42.14 1.12 -13.56
N GLU A 197 -41.30 1.44 -14.53
CA GLU A 197 -40.03 0.74 -14.66
C GLU A 197 -38.85 1.66 -14.36
N LEU A 198 -39.11 2.86 -13.86
CA LEU A 198 -38.06 3.81 -13.57
C LEU A 198 -37.13 3.30 -12.47
N GLN A 199 -35.85 3.13 -12.79
CA GLN A 199 -34.83 2.74 -11.83
C GLN A 199 -34.03 3.93 -11.29
N HIS A 200 -33.89 4.99 -12.08
CA HIS A 200 -32.97 6.10 -11.79
C HIS A 200 -33.68 7.41 -12.08
N MET A 201 -33.78 8.29 -11.06
CA MET A 201 -34.34 9.62 -11.24
C MET A 201 -33.43 10.67 -10.60
N GLU A 202 -32.84 11.52 -11.43
CA GLU A 202 -31.89 12.55 -11.00
C GLU A 202 -32.42 13.90 -11.50
N ILE A 203 -33.07 14.67 -10.64
CA ILE A 203 -33.73 15.88 -11.13
C ILE A 203 -33.46 17.11 -10.25
N GLY A 204 -32.44 17.03 -9.40
CA GLY A 204 -32.08 18.13 -8.53
C GLY A 204 -31.38 19.29 -9.24
N TYR A 205 -30.91 20.23 -8.43
CA TYR A 205 -30.27 21.44 -8.95
C TYR A 205 -31.23 22.16 -9.89
N ASN A 206 -32.45 22.34 -9.41
CA ASN A 206 -33.46 23.16 -10.08
C ASN A 206 -34.11 24.05 -9.01
N HIS A 207 -35.33 24.51 -9.30
CA HIS A 207 -36.04 25.40 -8.40
C HIS A 207 -37.40 24.84 -8.01
N PHE A 208 -37.56 23.52 -8.08
CA PHE A 208 -38.84 22.91 -7.74
C PHE A 208 -39.25 23.34 -6.34
N ASN A 209 -40.55 23.57 -6.17
CA ASN A 209 -41.12 23.92 -4.88
C ASN A 209 -42.20 22.93 -4.50
N GLY A 210 -42.74 23.10 -3.32
CA GLY A 210 -43.71 22.15 -2.84
C GLY A 210 -43.01 20.94 -2.30
N ASN A 211 -43.79 19.89 -2.08
CA ASN A 211 -43.30 18.65 -1.51
C ASN A 211 -43.10 17.61 -2.62
N ILE A 212 -42.56 16.47 -2.22
CA ILE A 212 -42.46 15.27 -3.05
C ILE A 212 -43.83 14.61 -3.08
N PRO A 213 -44.41 14.41 -4.26
CA PRO A 213 -45.72 13.76 -4.35
C PRO A 213 -45.67 12.36 -3.76
N SER A 214 -46.70 12.01 -2.97
CA SER A 214 -46.67 10.67 -2.38
C SER A 214 -46.85 9.57 -3.43
N GLU A 215 -47.30 9.92 -4.64
CA GLU A 215 -47.45 8.92 -5.68
C GLU A 215 -46.10 8.34 -6.09
N PHE A 216 -45.01 9.06 -5.83
CA PHE A 216 -43.70 8.49 -6.09
C PHE A 216 -43.48 7.20 -5.32
N ALA A 217 -44.31 6.91 -4.33
CA ALA A 217 -44.18 5.66 -3.59
C ALA A 217 -44.54 4.44 -4.43
N LEU A 218 -44.92 4.62 -5.68
CA LEU A 218 -45.23 3.50 -6.57
C LEU A 218 -44.08 3.16 -7.50
N LEU A 219 -42.97 3.89 -7.44
CA LEU A 219 -41.83 3.58 -8.29
C LEU A 219 -41.07 2.43 -7.62
N SER A 220 -41.69 1.25 -7.68
CA SER A 220 -41.21 0.10 -6.95
C SER A 220 -39.84 -0.36 -7.45
N ASN A 221 -39.44 0.06 -8.65
CA ASN A 221 -38.16 -0.33 -9.20
C ASN A 221 -37.06 0.68 -8.97
N LEU A 222 -37.36 1.78 -8.27
CA LEU A 222 -36.45 2.91 -8.17
C LEU A 222 -35.23 2.55 -7.32
N LYS A 223 -34.03 2.71 -7.90
CA LYS A 223 -32.79 2.46 -7.18
C LYS A 223 -32.07 3.74 -6.80
N TYR A 224 -32.30 4.83 -7.51
CA TYR A 224 -31.53 6.05 -7.35
C TYR A 224 -32.49 7.22 -7.40
N PHE A 225 -32.51 8.02 -6.33
CA PHE A 225 -33.42 9.15 -6.25
C PHE A 225 -32.67 10.35 -5.76
N ASP A 226 -32.45 11.33 -6.66
CA ASP A 226 -31.80 12.55 -6.22
C ASP A 226 -32.87 13.61 -5.91
N VAL A 227 -32.94 14.67 -6.70
CA VAL A 227 -33.70 15.90 -6.48
C VAL A 227 -33.24 16.61 -5.20
N SER A 228 -32.06 17.21 -5.25
CA SER A 228 -31.52 17.97 -4.13
C SER A 228 -30.98 19.29 -4.66
N ASN A 229 -30.62 20.19 -3.75
CA ASN A 229 -30.29 21.56 -4.14
C ASN A 229 -31.39 22.15 -5.01
N CYS A 230 -32.62 21.95 -4.58
CA CYS A 230 -33.83 22.54 -5.13
C CYS A 230 -34.41 23.49 -4.10
N SER A 231 -35.71 23.74 -4.21
CA SER A 231 -36.39 24.63 -3.28
C SER A 231 -37.57 23.90 -2.62
N LEU A 232 -37.43 22.60 -2.35
CA LEU A 232 -38.54 21.79 -1.85
C LEU A 232 -38.83 22.10 -0.38
N SER A 233 -39.99 21.64 0.10
CA SER A 233 -40.40 21.90 1.48
C SER A 233 -41.51 20.93 1.87
N GLY A 234 -41.89 21.01 3.14
CA GLY A 234 -42.88 20.14 3.74
C GLY A 234 -42.22 19.12 4.64
N SER A 235 -43.06 18.29 5.23
CA SER A 235 -42.59 17.11 5.92
C SER A 235 -42.14 16.07 4.89
N LEU A 236 -41.22 15.18 5.26
CA LEU A 236 -40.88 14.09 4.34
C LEU A 236 -42.04 13.08 4.27
N PRO A 237 -42.53 12.77 3.08
CA PRO A 237 -43.68 11.86 2.92
C PRO A 237 -43.41 10.46 3.45
N GLN A 238 -44.22 10.04 4.43
CA GLN A 238 -44.05 8.71 5.04
C GLN A 238 -44.10 7.59 4.02
N GLU A 239 -44.86 7.78 2.95
CA GLU A 239 -45.12 6.72 2.00
C GLU A 239 -43.86 6.22 1.31
N LEU A 240 -42.80 7.02 1.26
CA LEU A 240 -41.61 6.56 0.54
C LEU A 240 -40.86 5.46 1.29
N GLY A 241 -41.31 5.07 2.48
CA GLY A 241 -40.81 3.84 3.04
C GLY A 241 -41.11 2.65 2.16
N ASN A 242 -42.14 2.78 1.30
CA ASN A 242 -42.53 1.76 0.33
C ASN A 242 -41.47 1.48 -0.72
N LEU A 243 -40.50 2.39 -0.90
CA LEU A 243 -39.50 2.20 -1.96
C LEU A 243 -38.36 1.33 -1.45
N SER A 244 -38.59 0.01 -1.47
CA SER A 244 -37.47 -0.90 -1.31
C SER A 244 -36.70 -0.87 -2.63
N ASN A 245 -35.66 -1.68 -2.73
CA ASN A 245 -34.91 -1.70 -3.99
C ASN A 245 -34.05 -0.43 -4.09
N LEU A 246 -34.55 0.68 -3.56
CA LEU A 246 -33.85 1.95 -3.54
C LEU A 246 -32.51 1.89 -2.78
N GLU A 247 -31.45 2.37 -3.42
CA GLU A 247 -30.10 2.32 -2.85
C GLU A 247 -29.52 3.72 -2.61
N THR A 248 -30.05 4.76 -3.26
CA THR A 248 -29.47 6.09 -3.20
C THR A 248 -30.59 7.10 -3.01
N LEU A 249 -30.53 7.83 -1.90
CA LEU A 249 -31.57 8.81 -1.55
C LEU A 249 -30.88 10.11 -1.16
N PHE A 250 -30.85 11.08 -2.08
CA PHE A 250 -30.26 12.38 -1.82
C PHE A 250 -31.34 13.45 -1.84
N LEU A 251 -31.50 14.18 -0.73
CA LEU A 251 -32.45 15.30 -0.69
C LEU A 251 -31.85 16.48 0.04
N PHE A 252 -30.54 16.65 -0.07
CA PHE A 252 -29.90 17.69 0.69
C PHE A 252 -30.12 19.04 0.04
N GLN A 253 -29.81 20.08 0.83
CA GLN A 253 -29.89 21.47 0.38
C GLN A 253 -31.28 21.82 -0.09
N ASN A 254 -32.27 21.44 0.72
CA ASN A 254 -33.65 21.88 0.51
C ASN A 254 -34.22 22.55 1.75
N GLY A 255 -35.54 22.49 1.90
CA GLY A 255 -36.19 23.13 3.02
C GLY A 255 -37.13 22.22 3.80
N PHE A 256 -36.86 20.92 3.78
CA PHE A 256 -37.72 19.97 4.49
C PHE A 256 -37.74 20.24 5.98
N THR A 257 -38.93 20.23 6.56
CA THR A 257 -39.13 20.36 7.99
C THR A 257 -39.72 19.06 8.54
N GLY A 258 -40.07 19.09 9.81
CA GLY A 258 -40.63 17.92 10.43
C GLY A 258 -39.57 16.88 10.75
N GLU A 259 -40.04 15.69 11.10
CA GLU A 259 -39.17 14.61 11.52
C GLU A 259 -38.99 13.63 10.36
N ILE A 260 -37.91 12.85 10.44
CA ILE A 260 -37.68 11.74 9.52
C ILE A 260 -38.72 10.65 9.77
N PRO A 261 -39.48 10.25 8.74
CA PRO A 261 -40.44 9.15 8.90
C PRO A 261 -39.78 7.91 9.50
N GLU A 262 -40.41 7.34 10.52
CA GLU A 262 -39.97 6.01 10.94
C GLU A 262 -40.24 4.96 9.88
N SER A 263 -41.13 5.26 8.93
CA SER A 263 -41.31 4.38 7.79
C SER A 263 -40.03 4.22 6.99
N TYR A 264 -39.06 5.10 7.17
CA TYR A 264 -37.89 4.92 6.33
C TYR A 264 -36.99 3.77 6.78
N SER A 265 -37.30 3.11 7.90
CA SER A 265 -36.54 1.93 8.26
C SER A 265 -36.80 0.74 7.32
N ASN A 266 -37.71 0.87 6.39
CA ASN A 266 -38.04 -0.22 5.49
C ASN A 266 -37.30 -0.13 4.16
N LEU A 267 -36.42 0.87 4.01
CA LEU A 267 -35.59 0.96 2.81
C LEU A 267 -34.39 0.03 2.98
N LYS A 268 -34.67 -1.28 2.84
CA LYS A 268 -33.69 -2.32 3.13
C LYS A 268 -32.52 -2.32 2.16
N SER A 269 -32.64 -1.67 1.02
CA SER A 269 -31.53 -1.67 0.08
C SER A 269 -30.71 -0.39 0.16
N LEU A 270 -31.15 0.59 0.95
CA LEU A 270 -30.50 1.90 0.95
C LEU A 270 -29.02 1.80 1.34
N LYS A 271 -28.14 2.34 0.49
CA LYS A 271 -26.71 2.43 0.75
C LYS A 271 -26.23 3.82 1.13
N LEU A 272 -26.82 4.86 0.51
CA LEU A 272 -26.43 6.25 0.74
C LEU A 272 -27.67 7.06 1.13
N LEU A 273 -27.57 7.77 2.25
CA LEU A 273 -28.63 8.67 2.67
C LEU A 273 -28.01 10.03 2.97
N ASP A 274 -28.63 11.09 2.46
CA ASP A 274 -28.12 12.46 2.64
C ASP A 274 -29.29 13.41 2.79
N PHE A 275 -29.55 13.86 4.03
CA PHE A 275 -30.56 14.87 4.32
C PHE A 275 -29.94 16.20 4.77
N SER A 276 -28.67 16.42 4.47
CA SER A 276 -27.99 17.57 5.02
C SER A 276 -28.59 18.87 4.48
N SER A 277 -28.48 19.94 5.28
CA SER A 277 -28.94 21.28 4.90
C SER A 277 -30.45 21.31 4.64
N ASN A 278 -31.20 20.87 5.63
CA ASN A 278 -32.62 21.14 5.67
C ASN A 278 -32.99 21.72 7.02
N GLN A 279 -34.19 21.45 7.49
CA GLN A 279 -34.64 21.95 8.78
C GLN A 279 -35.30 20.85 9.58
N LEU A 280 -34.82 19.61 9.45
CA LEU A 280 -35.48 18.49 10.10
C LEU A 280 -35.33 18.51 11.62
N SER A 281 -36.35 18.01 12.30
CA SER A 281 -36.48 18.09 13.75
C SER A 281 -36.59 16.68 14.28
N GLY A 282 -36.40 16.56 15.59
CA GLY A 282 -36.64 15.29 16.25
C GLY A 282 -35.41 14.42 16.27
N SER A 283 -35.60 13.10 16.33
CA SER A 283 -34.51 12.17 16.52
C SER A 283 -34.28 11.37 15.24
N ILE A 284 -33.07 10.82 15.13
CA ILE A 284 -32.80 9.77 14.15
C ILE A 284 -33.67 8.58 14.53
N PRO A 285 -34.52 8.09 13.62
CA PRO A 285 -35.42 6.98 13.97
C PRO A 285 -34.63 5.72 14.28
N SER A 286 -35.00 5.04 15.37
CA SER A 286 -34.17 3.93 15.84
C SER A 286 -34.24 2.73 14.91
N GLY A 287 -35.26 2.68 14.04
CA GLY A 287 -35.29 1.69 12.98
C GLY A 287 -34.13 1.79 11.99
N PHE A 288 -33.49 2.97 11.89
CA PHE A 288 -32.29 3.13 11.07
C PHE A 288 -31.25 2.08 11.39
N SER A 289 -31.34 1.51 12.58
CA SER A 289 -30.45 0.47 13.04
C SER A 289 -30.66 -0.81 12.27
N THR A 290 -31.71 -0.89 11.47
CA THR A 290 -31.94 -2.08 10.65
C THR A 290 -31.43 -1.92 9.23
N LEU A 291 -31.10 -0.72 8.80
CA LEU A 291 -30.63 -0.54 7.41
C LEU A 291 -29.21 -1.12 7.31
N LYS A 292 -29.14 -2.45 7.17
CA LYS A 292 -27.84 -3.09 7.27
C LYS A 292 -27.00 -2.93 6.01
N ASN A 293 -27.48 -2.25 4.98
CA ASN A 293 -26.65 -1.98 3.81
C ASN A 293 -26.16 -0.54 3.76
N LEU A 294 -26.50 0.27 4.77
CA LEU A 294 -26.10 1.67 4.80
C LEU A 294 -24.59 1.81 4.74
N THR A 295 -24.13 2.60 3.77
CA THR A 295 -22.73 2.95 3.63
C THR A 295 -22.42 4.36 4.11
N TRP A 296 -23.37 5.27 3.91
CA TRP A 296 -23.16 6.70 4.06
C TRP A 296 -24.38 7.29 4.74
N LEU A 297 -24.21 7.83 5.94
CA LEU A 297 -25.31 8.45 6.65
C LEU A 297 -24.92 9.89 6.94
N SER A 298 -25.60 10.82 6.29
CA SER A 298 -25.26 12.23 6.38
C SER A 298 -26.51 13.04 6.69
N LEU A 299 -26.47 13.77 7.81
CA LEU A 299 -27.59 14.61 8.22
C LEU A 299 -27.12 15.97 8.70
N ILE A 300 -25.98 16.44 8.17
CA ILE A 300 -25.38 17.72 8.53
C ILE A 300 -26.39 18.86 8.48
N SER A 301 -26.27 19.81 9.40
CA SER A 301 -26.99 21.08 9.35
C SER A 301 -28.52 20.87 9.27
N ASN A 302 -29.04 20.33 10.36
CA ASN A 302 -30.46 20.21 10.60
C ASN A 302 -30.72 20.61 12.04
N ASN A 303 -31.98 20.51 12.49
CA ASN A 303 -32.36 20.75 13.87
C ASN A 303 -32.60 19.45 14.63
N LEU A 304 -31.84 18.41 14.30
CA LEU A 304 -32.04 17.13 14.96
C LEU A 304 -31.52 17.17 16.40
N SER A 305 -32.01 16.22 17.20
CA SER A 305 -31.87 16.26 18.65
C SER A 305 -31.97 14.84 19.18
N GLY A 306 -32.06 14.71 20.51
CA GLY A 306 -32.09 13.40 21.13
C GLY A 306 -30.78 12.66 20.98
N GLU A 307 -30.85 11.37 21.25
CA GLU A 307 -29.69 10.50 21.23
C GLU A 307 -29.59 9.74 19.91
N VAL A 308 -28.39 9.24 19.64
CA VAL A 308 -28.14 8.46 18.44
C VAL A 308 -28.44 7.01 18.78
N PRO A 309 -29.28 6.33 18.01
CA PRO A 309 -29.60 4.93 18.35
C PRO A 309 -28.32 4.11 18.41
N GLU A 310 -28.15 3.39 19.52
CA GLU A 310 -26.97 2.57 19.73
C GLU A 310 -26.66 1.66 18.54
N GLY A 311 -27.68 1.14 17.88
CA GLY A 311 -27.41 0.17 16.83
C GLY A 311 -26.70 0.73 15.62
N ILE A 312 -26.61 2.06 15.51
CA ILE A 312 -25.86 2.62 14.40
C ILE A 312 -24.38 2.30 14.52
N GLY A 313 -23.90 2.06 15.75
CA GLY A 313 -22.55 1.57 15.97
C GLY A 313 -22.35 0.12 15.59
N GLU A 314 -23.42 -0.58 15.18
CA GLU A 314 -23.34 -1.98 14.79
C GLU A 314 -23.61 -2.19 13.31
N LEU A 315 -23.89 -1.13 12.54
CA LEU A 315 -24.19 -1.26 11.12
C LEU A 315 -23.04 -1.95 10.40
N PRO A 316 -23.29 -3.06 9.72
CA PRO A 316 -22.18 -3.86 9.19
C PRO A 316 -21.35 -3.19 8.09
N GLU A 317 -21.91 -2.25 7.32
CA GLU A 317 -21.21 -1.70 6.16
C GLU A 317 -20.94 -0.21 6.24
N LEU A 318 -21.26 0.44 7.36
CA LEU A 318 -21.17 1.88 7.45
C LEU A 318 -19.74 2.35 7.33
N THR A 319 -19.55 3.32 6.48
CA THR A 319 -18.23 3.83 6.19
C THR A 319 -18.10 5.31 6.48
N THR A 320 -19.20 6.07 6.39
CA THR A 320 -19.22 7.53 6.50
C THR A 320 -20.34 7.91 7.44
N LEU A 321 -20.05 8.73 8.45
CA LEU A 321 -21.07 9.09 9.42
C LEU A 321 -20.96 10.57 9.73
N PHE A 322 -21.85 11.35 9.13
CA PHE A 322 -21.87 12.79 9.23
C PHE A 322 -23.10 13.23 10.00
N LEU A 323 -22.90 13.78 11.21
CA LEU A 323 -24.00 14.27 12.03
C LEU A 323 -23.78 15.68 12.54
N TRP A 324 -22.89 16.46 11.92
CA TRP A 324 -22.48 17.69 12.57
C TRP A 324 -23.45 18.84 12.31
N ASN A 325 -23.43 19.81 13.24
CA ASN A 325 -24.34 20.98 13.23
C ASN A 325 -25.78 20.56 13.44
N ASN A 326 -26.00 19.81 14.52
CA ASN A 326 -27.31 19.48 15.04
C ASN A 326 -27.28 19.80 16.53
N ASN A 327 -28.15 19.18 17.32
CA ASN A 327 -28.06 19.33 18.76
C ASN A 327 -28.37 17.98 19.39
N PHE A 328 -27.58 16.98 19.01
CA PHE A 328 -27.72 15.66 19.60
C PHE A 328 -27.19 15.64 21.04
N THR A 329 -27.93 14.95 21.91
CA THR A 329 -27.62 14.75 23.32
C THR A 329 -27.07 13.34 23.50
N GLY A 330 -26.66 13.03 24.72
CA GLY A 330 -26.33 11.66 25.05
C GLY A 330 -24.91 11.27 24.69
N VAL A 331 -24.71 9.97 24.60
CA VAL A 331 -23.39 9.38 24.39
C VAL A 331 -23.28 8.87 22.97
N LEU A 332 -22.04 8.70 22.50
CA LEU A 332 -21.84 8.04 21.21
C LEU A 332 -21.91 6.51 21.37
N PRO A 333 -22.50 5.81 20.40
CA PRO A 333 -22.64 4.33 20.51
C PRO A 333 -21.32 3.59 20.72
N HIS A 334 -21.19 2.95 21.90
CA HIS A 334 -20.01 2.25 22.39
C HIS A 334 -19.27 1.44 21.32
N LYS A 335 -19.99 0.74 20.45
CA LYS A 335 -19.37 -0.21 19.54
C LYS A 335 -19.06 0.38 18.17
N LEU A 336 -19.23 1.70 18.00
CA LEU A 336 -18.97 2.32 16.70
C LEU A 336 -17.53 2.06 16.27
N GLY A 337 -17.37 1.59 15.02
CA GLY A 337 -16.09 1.22 14.47
C GLY A 337 -15.80 -0.28 14.49
N SER A 338 -16.57 -1.03 15.27
CA SER A 338 -16.29 -2.45 15.41
C SER A 338 -16.64 -3.25 14.17
N ASN A 339 -17.36 -2.65 13.24
CA ASN A 339 -17.54 -3.26 11.93
C ASN A 339 -16.25 -3.28 11.13
N GLY A 340 -15.21 -2.59 11.59
CA GLY A 340 -13.94 -2.62 10.89
C GLY A 340 -13.93 -1.85 9.60
N LYS A 341 -14.90 -0.96 9.39
CA LYS A 341 -15.04 -0.28 8.11
C LYS A 341 -15.10 1.24 8.15
N LEU A 342 -15.18 1.88 9.33
CA LEU A 342 -15.33 3.34 9.38
C LEU A 342 -14.17 4.05 8.68
N GLU A 343 -14.50 5.06 7.86
CA GLU A 343 -13.47 5.85 7.20
C GLU A 343 -13.45 7.29 7.69
N THR A 344 -14.58 8.00 7.64
CA THR A 344 -14.63 9.33 8.19
C THR A 344 -15.86 9.46 9.10
N MET A 345 -15.67 10.10 10.24
CA MET A 345 -16.72 10.41 11.18
C MET A 345 -16.58 11.87 11.58
N ASP A 346 -17.69 12.60 11.59
CA ASP A 346 -17.70 14.02 11.93
C ASP A 346 -19.00 14.30 12.67
N VAL A 347 -18.90 14.57 13.97
CA VAL A 347 -20.09 14.87 14.77
C VAL A 347 -19.87 16.19 15.49
N SER A 348 -19.04 17.05 14.92
CA SER A 348 -18.72 18.31 15.55
C SER A 348 -19.99 19.18 15.73
N ASN A 349 -19.93 20.13 16.69
CA ASN A 349 -21.02 21.09 16.93
C ASN A 349 -22.30 20.40 17.37
N ASN A 350 -22.19 19.57 18.40
CA ASN A 350 -23.36 18.96 19.02
C ASN A 350 -23.25 19.11 20.54
N SER A 351 -23.99 18.28 21.25
CA SER A 351 -23.91 18.22 22.70
C SER A 351 -23.62 16.79 23.14
N PHE A 352 -22.75 16.08 22.43
CA PHE A 352 -22.42 14.73 22.85
C PHE A 352 -21.66 14.75 24.18
N THR A 353 -21.80 13.67 24.94
CA THR A 353 -21.09 13.49 26.19
C THR A 353 -20.47 12.11 26.27
N GLY A 354 -19.96 11.76 27.42
CA GLY A 354 -19.33 10.47 27.57
C GLY A 354 -17.97 10.38 26.92
N THR A 355 -17.46 9.16 26.89
CA THR A 355 -16.12 8.95 26.38
C THR A 355 -16.14 8.69 24.90
N ILE A 356 -14.95 8.74 24.31
CA ILE A 356 -14.75 8.43 22.91
C ILE A 356 -14.58 6.92 22.77
N PRO A 357 -15.43 6.24 22.01
CA PRO A 357 -15.32 4.79 21.86
C PRO A 357 -13.93 4.34 21.42
N SER A 358 -13.48 3.20 21.95
CA SER A 358 -12.17 2.67 21.60
C SER A 358 -12.14 2.03 20.22
N SER A 359 -13.28 1.59 19.71
CA SER A 359 -13.34 0.82 18.49
C SER A 359 -13.33 1.65 17.22
N LEU A 360 -13.21 2.99 17.30
CA LEU A 360 -13.48 3.82 16.13
C LEU A 360 -12.61 3.45 14.93
N CYS A 361 -11.35 3.04 15.17
CA CYS A 361 -10.42 2.79 14.08
C CYS A 361 -10.12 1.32 13.85
N HIS A 362 -10.82 0.42 14.53
CA HIS A 362 -10.75 -1.01 14.20
C HIS A 362 -10.76 -1.21 12.69
N GLY A 363 -9.75 -1.91 12.18
CA GLY A 363 -9.57 -2.10 10.76
C GLY A 363 -8.56 -1.19 10.10
N ASN A 364 -8.07 -0.18 10.82
CA ASN A 364 -7.18 0.86 10.27
C ASN A 364 -7.69 1.38 8.92
N LYS A 365 -8.97 1.78 8.89
CA LYS A 365 -9.51 2.48 7.74
C LYS A 365 -9.91 3.92 8.06
N LEU A 366 -9.97 4.29 9.34
CA LEU A 366 -10.40 5.61 9.76
C LEU A 366 -9.28 6.61 9.51
N TYR A 367 -9.56 7.64 8.71
CA TYR A 367 -8.54 8.61 8.41
C TYR A 367 -8.94 10.03 8.77
N LYS A 368 -10.22 10.30 9.01
CA LYS A 368 -10.70 11.63 9.37
C LYS A 368 -11.64 11.48 10.56
N LEU A 369 -11.25 12.06 11.70
CA LEU A 369 -11.98 11.94 12.96
C LEU A 369 -12.24 13.33 13.49
N ILE A 370 -13.48 13.80 13.43
CA ILE A 370 -13.81 15.18 13.76
C ILE A 370 -14.86 15.19 14.87
N LEU A 371 -14.49 15.73 16.03
CA LEU A 371 -15.32 15.67 17.22
C LEU A 371 -15.42 16.99 17.97
N PHE A 372 -14.98 18.10 17.37
CA PHE A 372 -14.84 19.32 18.13
C PHE A 372 -16.20 19.96 18.41
N SER A 373 -16.23 20.79 19.46
CA SER A 373 -17.43 21.49 19.92
C SER A 373 -18.52 20.52 20.38
N ASN A 374 -18.14 19.69 21.34
CA ASN A 374 -19.08 18.88 22.09
C ASN A 374 -18.79 19.01 23.58
N MET A 375 -19.13 17.97 24.33
CA MET A 375 -18.81 17.89 25.75
C MET A 375 -18.34 16.49 26.10
N PHE A 376 -17.47 15.92 25.26
CA PHE A 376 -16.87 14.62 25.54
C PHE A 376 -15.98 14.72 26.78
N GLU A 377 -16.01 13.66 27.58
CA GLU A 377 -15.32 13.57 28.84
C GLU A 377 -14.30 12.44 28.76
N GLY A 378 -13.42 12.40 29.75
CA GLY A 378 -12.53 11.26 29.91
C GLY A 378 -11.24 11.38 29.12
N GLU A 379 -10.43 10.32 29.26
CA GLU A 379 -9.11 10.27 28.66
C GLU A 379 -9.22 9.91 27.19
N LEU A 380 -8.40 10.54 26.35
CA LEU A 380 -8.23 10.11 24.98
C LEU A 380 -7.91 8.62 24.94
N PRO A 381 -8.75 7.80 24.34
CA PRO A 381 -8.51 6.35 24.36
C PRO A 381 -7.19 5.99 23.70
N LYS A 382 -6.43 5.11 24.36
CA LYS A 382 -5.11 4.81 23.85
C LYS A 382 -5.17 4.03 22.53
N SER A 383 -6.30 3.40 22.23
CA SER A 383 -6.45 2.74 20.92
C SER A 383 -6.27 3.74 19.79
N LEU A 384 -6.59 5.00 20.04
CA LEU A 384 -6.50 6.01 19.00
C LEU A 384 -5.05 6.28 18.61
N THR A 385 -4.10 5.94 19.47
CA THR A 385 -2.69 6.07 19.12
C THR A 385 -2.21 4.95 18.23
N ARG A 386 -2.99 3.88 18.04
CA ARG A 386 -2.61 2.81 17.13
C ARG A 386 -3.51 2.80 15.90
N CYS A 387 -4.12 3.93 15.59
CA CYS A 387 -4.96 4.08 14.40
C CYS A 387 -4.04 4.42 13.24
N GLU A 388 -3.67 3.40 12.46
CA GLU A 388 -2.57 3.57 11.51
C GLU A 388 -2.95 4.49 10.35
N SER A 389 -4.23 4.61 10.07
CA SER A 389 -4.66 5.37 8.90
C SER A 389 -5.02 6.81 9.21
N LEU A 390 -4.96 7.19 10.49
CA LEU A 390 -5.46 8.50 10.91
C LEU A 390 -4.63 9.63 10.30
N TRP A 391 -5.32 10.65 9.82
CA TRP A 391 -4.77 11.74 9.01
C TRP A 391 -5.20 13.12 9.49
N ARG A 392 -6.45 13.29 9.90
CA ARG A 392 -6.97 14.55 10.40
C ARG A 392 -7.77 14.32 11.66
N PHE A 393 -7.36 14.96 12.74
CA PHE A 393 -7.96 14.75 14.06
C PHE A 393 -8.27 16.11 14.67
N ARG A 394 -9.54 16.46 14.73
CA ARG A 394 -10.01 17.75 15.26
C ARG A 394 -10.97 17.51 16.41
N SER A 395 -10.50 17.73 17.64
CA SER A 395 -11.25 17.44 18.84
C SER A 395 -11.21 18.58 19.87
N GLN A 396 -10.94 19.82 19.45
CA GLN A 396 -10.91 20.93 20.40
C GLN A 396 -12.28 21.21 21.02
N ASN A 397 -12.32 22.09 22.02
CA ASN A 397 -13.56 22.53 22.69
C ASN A 397 -14.39 21.35 23.19
N ASN A 398 -13.76 20.55 24.04
CA ASN A 398 -14.41 19.48 24.79
C ASN A 398 -13.89 19.53 26.23
N ARG A 399 -14.06 18.43 26.95
CA ARG A 399 -13.69 18.29 28.37
C ARG A 399 -12.80 17.07 28.58
N LEU A 400 -11.88 16.83 27.67
CA LEU A 400 -11.03 15.65 27.75
C LEU A 400 -9.94 15.87 28.79
N ASN A 401 -9.79 14.91 29.71
CA ASN A 401 -8.84 15.08 30.81
C ASN A 401 -7.70 14.06 30.70
N GLY A 402 -6.83 14.04 31.73
CA GLY A 402 -5.72 13.10 31.78
C GLY A 402 -4.52 13.52 30.94
N THR A 403 -3.70 12.51 30.65
CA THR A 403 -2.48 12.68 29.85
C THR A 403 -2.76 12.29 28.41
N ILE A 404 -2.65 13.26 27.51
CA ILE A 404 -2.58 12.95 26.07
C ILE A 404 -1.66 11.76 25.88
N PRO A 405 -2.19 10.62 25.45
CA PRO A 405 -1.39 9.39 25.42
C PRO A 405 -0.20 9.48 24.49
N ILE A 406 0.74 8.55 24.68
CA ILE A 406 1.94 8.48 23.86
C ILE A 406 1.74 7.46 22.75
N GLY A 407 2.09 7.85 21.53
CA GLY A 407 2.01 6.97 20.37
C GLY A 407 1.56 7.67 19.10
N PHE A 408 1.16 8.95 19.19
CA PHE A 408 0.68 9.62 17.98
C PHE A 408 1.83 9.86 17.01
N GLY A 409 3.04 10.08 17.51
CA GLY A 409 4.17 10.35 16.65
C GLY A 409 4.65 9.16 15.84
N SER A 410 4.02 8.01 16.01
CA SER A 410 4.35 6.77 15.30
C SER A 410 3.35 6.45 14.20
N LEU A 411 2.32 7.30 14.03
CA LEU A 411 1.40 7.20 12.92
C LEU A 411 2.00 7.87 11.69
N ARG A 412 2.01 7.16 10.58
CA ARG A 412 2.78 7.54 9.40
C ARG A 412 2.07 8.56 8.52
N ASN A 413 0.81 8.91 8.81
CA ASN A 413 0.09 9.79 7.91
C ASN A 413 -0.69 10.87 8.65
N LEU A 414 -0.38 11.10 9.93
CA LEU A 414 -1.14 12.04 10.76
C LEU A 414 -0.56 13.42 10.56
N THR A 415 -1.35 14.32 9.99
CA THR A 415 -0.80 15.59 9.58
C THR A 415 -1.47 16.78 10.23
N PHE A 416 -2.68 16.62 10.75
CA PHE A 416 -3.42 17.72 11.35
C PHE A 416 -4.00 17.22 12.67
N VAL A 417 -3.61 17.84 13.77
CA VAL A 417 -4.10 17.48 15.10
C VAL A 417 -4.49 18.76 15.84
N ASP A 418 -5.73 18.82 16.32
CA ASP A 418 -6.20 19.94 17.12
C ASP A 418 -6.84 19.39 18.40
N LEU A 419 -6.15 19.57 19.53
CA LEU A 419 -6.63 19.16 20.84
C LEU A 419 -6.81 20.35 21.77
N SER A 420 -6.88 21.56 21.22
CA SER A 420 -6.95 22.75 22.03
C SER A 420 -8.26 22.82 22.81
N ASN A 421 -8.33 23.80 23.70
CA ASN A 421 -9.44 24.01 24.62
C ASN A 421 -10.01 22.69 25.15
N ASN A 422 -9.14 21.97 25.84
CA ASN A 422 -9.59 20.83 26.62
C ASN A 422 -9.07 20.94 28.05
N ARG A 423 -8.90 19.80 28.71
CA ARG A 423 -8.51 19.72 30.12
C ARG A 423 -7.35 18.76 30.30
N PHE A 424 -6.47 18.68 29.31
CA PHE A 424 -5.35 17.76 29.40
C PHE A 424 -4.32 18.21 30.44
N THR A 425 -3.89 17.29 31.29
CA THR A 425 -2.91 17.65 32.30
C THR A 425 -1.60 16.92 32.11
N ASP A 426 -0.79 16.82 33.16
CA ASP A 426 0.61 16.38 33.10
C ASP A 426 1.31 16.79 31.80
N GLN A 427 2.10 15.90 31.21
CA GLN A 427 3.11 16.31 30.26
C GLN A 427 2.55 16.26 28.84
N ILE A 428 3.39 16.63 27.87
CA ILE A 428 3.06 16.70 26.46
C ILE A 428 3.79 15.56 25.78
N PRO A 429 3.10 14.70 25.04
CA PRO A 429 3.79 13.54 24.46
C PRO A 429 5.02 13.94 23.65
N ALA A 430 6.12 13.27 23.93
CA ALA A 430 7.39 13.60 23.29
C ALA A 430 7.47 13.09 21.87
N ASP A 431 6.61 12.13 21.50
CA ASP A 431 6.65 11.56 20.16
C ASP A 431 6.01 12.48 19.13
N PHE A 432 5.26 13.50 19.56
CA PHE A 432 4.81 14.54 18.63
C PHE A 432 5.99 15.10 17.84
N ALA A 433 7.08 15.42 18.54
CA ALA A 433 8.24 15.98 17.87
C ALA A 433 8.85 15.03 16.85
N THR A 434 8.50 13.75 16.86
CA THR A 434 9.00 12.82 15.87
C THR A 434 7.90 12.26 14.99
N ALA A 435 6.73 12.90 14.96
CA ALA A 435 5.70 12.55 13.99
C ALA A 435 6.20 12.87 12.59
N PRO A 436 6.10 11.94 11.64
CA PRO A 436 6.78 12.14 10.35
C PRO A 436 6.17 13.21 9.46
N VAL A 437 4.86 13.42 9.47
CA VAL A 437 4.29 14.34 8.49
C VAL A 437 3.36 15.37 9.14
N LEU A 438 3.29 15.35 10.47
CA LEU A 438 2.40 16.25 11.21
C LEU A 438 2.65 17.69 10.81
N GLN A 439 1.62 18.39 10.35
CA GLN A 439 1.79 19.75 9.83
C GLN A 439 1.19 20.83 10.73
N TYR A 440 0.13 20.49 11.46
CA TYR A 440 -0.56 21.40 12.35
C TYR A 440 -0.74 20.71 13.68
N LEU A 441 -0.37 21.38 14.75
CA LEU A 441 -0.62 20.87 16.08
C LEU A 441 -0.94 22.06 16.94
N ASN A 442 -2.08 22.01 17.66
CA ASN A 442 -2.45 23.20 18.43
C ASN A 442 -2.17 23.04 19.93
N LEU A 443 -2.96 22.29 20.69
CA LEU A 443 -2.71 22.07 22.13
C LEU A 443 -2.91 23.29 23.01
N SER A 444 -3.31 24.43 22.45
CA SER A 444 -3.58 25.61 23.26
C SER A 444 -4.69 25.35 24.28
N THR A 445 -4.65 26.08 25.41
CA THR A 445 -5.72 26.07 26.41
C THR A 445 -5.90 24.69 27.06
N ASN A 446 -5.06 24.32 28.03
CA ASN A 446 -5.15 22.93 28.47
C ASN A 446 -4.74 22.56 29.89
N PHE A 447 -3.96 23.36 30.60
CA PHE A 447 -3.55 23.02 31.98
C PHE A 447 -2.45 21.95 32.11
N PHE A 448 -1.34 22.07 31.38
CA PHE A 448 -0.27 21.06 31.43
C PHE A 448 0.60 21.16 32.67
N HIS A 449 1.01 22.37 33.05
CA HIS A 449 1.87 22.57 34.21
C HIS A 449 3.19 21.82 34.11
N ARG A 450 3.69 21.59 32.88
CA ARG A 450 5.04 21.06 32.65
C ARG A 450 5.69 21.76 31.46
N LYS A 451 6.89 21.32 31.11
CA LYS A 451 7.72 21.97 30.10
C LYS A 451 7.31 21.52 28.71
N LEU A 452 7.65 22.34 27.71
CA LEU A 452 7.59 21.90 26.33
C LEU A 452 8.53 20.72 26.12
N PRO A 453 8.17 19.77 25.26
CA PRO A 453 9.08 18.66 24.96
C PRO A 453 10.40 19.17 24.37
N GLU A 454 11.49 18.58 24.82
CA GLU A 454 12.83 19.10 24.55
C GLU A 454 13.08 19.24 23.05
N ASN A 455 12.57 18.30 22.26
CA ASN A 455 12.88 18.27 20.83
C ASN A 455 11.67 18.64 19.97
N ILE A 456 10.83 19.54 20.48
CA ILE A 456 9.65 20.01 19.76
C ILE A 456 10.04 20.72 18.44
N TRP A 457 11.12 21.50 18.45
CA TRP A 457 11.49 22.21 17.23
C TRP A 457 12.24 21.34 16.22
N LYS A 458 12.78 20.21 16.66
CA LYS A 458 13.39 19.25 15.75
C LYS A 458 12.51 18.93 14.55
N ALA A 459 11.25 18.59 14.81
CA ALA A 459 10.20 18.08 13.91
C ALA A 459 10.40 18.44 12.45
N PRO A 460 10.16 17.47 11.54
CA PRO A 460 10.47 17.66 10.12
C PRO A 460 9.49 18.58 9.44
N ASN A 461 8.28 18.06 9.27
CA ASN A 461 7.18 18.84 8.74
C ASN A 461 6.35 19.16 9.96
N LEU A 462 5.95 20.42 10.05
CA LEU A 462 5.24 21.03 11.17
C LEU A 462 5.36 22.53 11.00
N GLN A 463 4.30 23.11 10.44
CA GLN A 463 4.24 24.49 10.05
C GLN A 463 3.60 25.38 11.09
N ILE A 464 2.61 24.86 11.81
CA ILE A 464 1.82 25.65 12.76
C ILE A 464 1.79 24.92 14.08
N PHE A 465 2.36 25.50 15.12
CA PHE A 465 2.27 24.92 16.44
C PHE A 465 1.80 25.97 17.41
N SER A 466 0.77 25.67 18.20
CA SER A 466 0.09 26.71 18.94
C SER A 466 -0.33 26.29 20.35
N ALA A 467 0.66 25.98 21.20
CA ALA A 467 0.38 25.64 22.60
C ALA A 467 0.32 26.91 23.47
N SER A 468 -0.71 27.73 23.24
CA SER A 468 -0.87 28.98 23.97
C SER A 468 -1.90 28.84 25.10
N PHE A 469 -1.64 29.52 26.23
CA PHE A 469 -2.53 29.45 27.40
C PHE A 469 -2.76 28.00 27.85
N SER A 470 -1.71 27.19 27.79
CA SER A 470 -1.78 25.80 28.19
C SER A 470 -0.98 25.56 29.47
N ASN A 471 -0.79 26.59 30.28
CA ASN A 471 -0.05 26.51 31.55
C ASN A 471 1.32 25.84 31.38
N LEU A 472 2.08 26.29 30.38
CA LEU A 472 3.45 25.83 30.18
C LEU A 472 4.40 26.52 31.17
N ILE A 473 5.50 25.84 31.48
CA ILE A 473 6.50 26.36 32.41
C ILE A 473 7.90 26.03 31.87
N GLY A 474 8.91 26.63 32.50
CA GLY A 474 10.28 26.35 32.15
C GLY A 474 10.74 27.16 30.97
N GLU A 475 11.93 26.83 30.50
CA GLU A 475 12.56 27.56 29.41
C GLU A 475 12.04 27.08 28.05
N ILE A 476 12.30 27.88 27.03
CA ILE A 476 12.02 27.51 25.64
C ILE A 476 13.23 26.74 25.13
N PRO A 477 13.08 25.50 24.69
CA PRO A 477 14.23 24.75 24.16
C PRO A 477 14.91 25.46 23.00
N ASN A 478 16.18 25.15 22.82
CA ASN A 478 16.95 25.77 21.75
C ASN A 478 16.31 25.46 20.40
N TYR A 479 16.32 26.44 19.49
CA TYR A 479 15.65 26.26 18.21
C TYR A 479 16.47 25.44 17.23
N VAL A 480 16.93 24.26 17.65
CA VAL A 480 17.65 23.34 16.78
C VAL A 480 16.76 22.89 15.63
N GLY A 481 17.24 23.03 14.40
CA GLY A 481 16.51 22.50 13.25
C GLY A 481 15.45 23.44 12.73
N CYS A 482 14.27 23.39 13.35
CA CYS A 482 13.18 24.33 13.05
C CYS A 482 12.89 24.41 11.55
N LYS A 483 12.64 23.27 10.92
CA LYS A 483 12.73 23.22 9.47
C LYS A 483 11.57 23.93 8.80
N SER A 484 10.35 23.61 9.19
CA SER A 484 9.19 24.05 8.44
C SER A 484 8.28 25.01 9.19
N PHE A 485 8.53 25.28 10.47
CA PHE A 485 7.67 26.18 11.24
C PHE A 485 7.52 27.51 10.54
N TYR A 486 6.26 27.94 10.38
CA TYR A 486 6.02 29.31 10.02
C TYR A 486 5.08 30.06 10.96
N ARG A 487 4.39 29.38 11.86
CA ARG A 487 3.64 30.10 12.88
C ARG A 487 3.82 29.39 14.23
N ILE A 488 4.23 30.14 15.24
CA ILE A 488 4.49 29.63 16.57
C ILE A 488 3.75 30.49 17.58
N GLU A 489 2.85 29.86 18.36
CA GLU A 489 2.08 30.52 19.40
C GLU A 489 2.33 29.85 20.74
N LEU A 490 2.97 30.58 21.64
CA LEU A 490 3.20 30.13 23.01
C LEU A 490 2.76 31.19 24.01
N GLN A 491 1.93 32.14 23.57
CA GLN A 491 1.57 33.26 24.42
C GLN A 491 0.77 32.78 25.65
N GLY A 492 0.91 33.53 26.75
CA GLY A 492 0.08 33.32 27.92
C GLY A 492 0.42 32.09 28.73
N ASN A 493 1.70 31.86 28.96
CA ASN A 493 2.10 30.80 29.86
C ASN A 493 2.98 31.37 30.96
N SER A 494 3.84 30.55 31.54
CA SER A 494 4.78 31.01 32.55
C SER A 494 6.21 30.65 32.14
N LEU A 495 6.47 30.63 30.84
CA LEU A 495 7.81 30.34 30.34
C LEU A 495 8.80 31.38 30.88
N ASN A 496 9.78 30.90 31.63
CA ASN A 496 10.78 31.80 32.19
C ASN A 496 12.10 31.64 31.42
N GLY A 497 13.17 32.23 31.94
CA GLY A 497 14.43 32.18 31.22
C GLY A 497 14.52 33.15 30.05
N THR A 498 15.46 32.87 29.16
CA THR A 498 15.80 33.70 28.02
C THR A 498 15.24 33.12 26.73
N ILE A 499 14.84 33.99 25.81
CA ILE A 499 14.50 33.56 24.46
C ILE A 499 15.75 33.01 23.80
N PRO A 500 15.76 31.75 23.37
CA PRO A 500 16.96 31.17 22.75
C PRO A 500 17.47 32.00 21.58
N TRP A 501 18.77 32.20 21.56
CA TRP A 501 19.50 33.06 20.65
C TRP A 501 19.74 32.44 19.28
N ASP A 502 19.31 31.21 19.03
CA ASP A 502 19.53 30.57 17.75
C ASP A 502 18.24 30.48 16.95
N ILE A 503 17.35 31.44 17.13
CA ILE A 503 16.06 31.42 16.44
C ILE A 503 16.17 31.65 14.94
N GLY A 504 17.33 32.08 14.44
CA GLY A 504 17.49 32.20 13.01
C GLY A 504 17.48 30.89 12.27
N HIS A 505 17.46 29.77 12.99
CA HIS A 505 17.24 28.47 12.36
C HIS A 505 15.83 28.33 11.80
N CYS A 506 14.87 29.11 12.31
CA CYS A 506 13.49 29.07 11.84
C CYS A 506 13.33 29.96 10.62
N GLU A 507 13.89 29.50 9.50
CA GLU A 507 13.94 30.36 8.33
C GLU A 507 12.59 30.57 7.67
N LYS A 508 11.62 29.70 7.95
CA LYS A 508 10.29 29.85 7.36
C LYS A 508 9.33 30.58 8.26
N LEU A 509 9.77 31.00 9.45
CA LEU A 509 8.92 31.66 10.43
C LEU A 509 8.31 32.94 9.88
N LEU A 510 7.02 33.13 10.15
CA LEU A 510 6.28 34.33 9.78
C LEU A 510 5.67 35.02 10.98
N CYS A 511 5.15 34.26 11.93
CA CYS A 511 4.51 34.79 13.11
C CYS A 511 5.02 34.07 14.35
N LEU A 512 5.48 34.84 15.32
CA LEU A 512 5.96 34.33 16.59
C LEU A 512 5.25 35.12 17.68
N ASN A 513 4.57 34.44 18.62
CA ASN A 513 3.97 35.13 19.75
C ASN A 513 4.46 34.48 21.05
N LEU A 514 5.32 35.19 21.78
CA LEU A 514 5.78 34.76 23.10
C LEU A 514 5.37 35.75 24.17
N SER A 515 4.30 36.51 23.91
CA SER A 515 3.81 37.50 24.84
C SER A 515 3.14 36.85 26.06
N GLN A 516 3.02 37.63 27.13
CA GLN A 516 2.43 37.18 28.39
C GLN A 516 3.12 35.92 28.90
N ASN A 517 4.40 36.06 29.18
CA ASN A 517 5.19 34.99 29.78
C ASN A 517 5.99 35.66 30.90
N HIS A 518 7.08 35.00 31.32
CA HIS A 518 8.04 35.52 32.29
C HIS A 518 9.44 35.54 31.69
N LEU A 519 9.56 35.95 30.43
CA LEU A 519 10.85 35.94 29.75
C LEU A 519 11.68 37.15 30.11
N ASN A 520 12.92 36.89 30.49
CA ASN A 520 13.90 37.91 30.85
C ASN A 520 14.97 37.96 29.77
N GLY A 521 15.93 38.85 29.97
CA GLY A 521 17.05 38.89 29.05
C GLY A 521 16.76 39.74 27.83
N ILE A 522 17.65 39.58 26.86
CA ILE A 522 17.69 40.42 25.67
C ILE A 522 16.84 39.83 24.54
N ILE A 523 16.55 40.64 23.55
CA ILE A 523 15.85 40.20 22.35
C ILE A 523 16.89 39.51 21.49
N PRO A 524 16.66 38.29 21.05
CA PRO A 524 17.69 37.60 20.25
C PRO A 524 18.00 38.37 18.97
N TRP A 525 19.21 38.91 18.86
CA TRP A 525 19.61 39.63 17.66
C TRP A 525 19.42 38.78 16.42
N GLU A 526 19.57 37.46 16.53
CA GLU A 526 19.39 36.59 15.38
C GLU A 526 17.96 36.61 14.86
N ILE A 527 17.02 37.24 15.57
CA ILE A 527 15.73 37.52 14.93
C ILE A 527 15.98 38.22 13.61
N SER A 528 17.03 39.06 13.56
CA SER A 528 17.37 39.80 12.36
C SER A 528 17.93 38.92 11.26
N THR A 529 18.07 37.61 11.43
CA THR A 529 18.37 36.80 10.26
C THR A 529 17.08 36.29 9.63
N LEU A 530 16.15 37.24 9.43
CA LEU A 530 14.73 37.35 9.06
C LEU A 530 14.36 37.16 7.59
N PRO A 531 14.46 36.03 6.91
CA PRO A 531 14.07 36.15 5.49
C PRO A 531 12.61 36.60 5.35
N SER A 532 11.73 36.19 6.28
CA SER A 532 10.31 36.44 6.09
C SER A 532 9.50 36.80 7.33
N ILE A 533 10.15 36.95 8.50
CA ILE A 533 9.39 37.19 9.72
C ILE A 533 8.52 38.43 9.50
N ALA A 534 7.23 38.30 9.79
CA ALA A 534 6.28 39.40 9.64
C ALA A 534 5.66 39.87 10.96
N ASP A 535 5.17 38.96 11.80
CA ASP A 535 4.50 39.38 13.04
C ASP A 535 5.28 38.83 14.21
N VAL A 536 5.68 39.71 15.13
CA VAL A 536 6.41 39.30 16.31
C VAL A 536 5.74 39.95 17.51
N ASP A 537 5.41 39.15 18.53
CA ASP A 537 4.81 39.68 19.74
C ASP A 537 5.54 39.12 20.95
N LEU A 538 6.30 40.00 21.61
CA LEU A 538 7.07 39.67 22.81
C LEU A 538 6.59 40.47 24.02
N SER A 539 5.40 41.06 23.94
CA SER A 539 4.91 41.98 24.95
C SER A 539 4.59 41.26 26.26
N HIS A 540 4.45 42.05 27.34
CA HIS A 540 4.17 41.54 28.68
C HIS A 540 5.15 40.42 29.06
N ASN A 541 6.42 40.81 29.10
CA ASN A 541 7.43 39.93 29.64
C ASN A 541 8.28 40.77 30.57
N LEU A 542 9.54 40.39 30.73
CA LEU A 542 10.52 41.12 31.51
C LEU A 542 11.80 41.32 30.72
N LEU A 543 11.67 41.58 29.42
CA LEU A 543 12.86 41.73 28.59
C LEU A 543 13.56 43.04 28.91
N THR A 544 14.88 43.05 28.65
CA THR A 544 15.74 44.20 28.88
C THR A 544 16.72 44.32 27.72
N GLY A 545 17.39 45.46 27.61
CA GLY A 545 18.30 45.73 26.50
C GLY A 545 17.65 46.60 25.42
N THR A 546 18.47 46.94 24.42
CA THR A 546 18.00 47.65 23.24
C THR A 546 17.14 46.73 22.35
N ILE A 547 16.33 47.36 21.50
CA ILE A 547 15.94 46.72 20.26
C ILE A 547 17.14 46.80 19.34
N PRO A 548 17.75 45.67 18.93
CA PRO A 548 18.90 45.73 18.01
C PRO A 548 18.61 46.60 16.79
N SER A 549 19.32 47.72 16.64
CA SER A 549 19.07 48.66 15.56
C SER A 549 19.04 48.00 14.18
N ASP A 550 19.64 46.82 14.04
CA ASP A 550 19.59 46.14 12.75
C ASP A 550 18.17 45.77 12.35
N PHE A 551 17.26 45.65 13.32
CA PHE A 551 15.86 45.39 13.02
C PHE A 551 15.26 46.40 12.06
N GLY A 552 15.80 47.63 12.07
CA GLY A 552 15.33 48.64 11.13
C GLY A 552 15.63 48.33 9.68
N SER A 553 16.48 47.35 9.40
CA SER A 553 16.78 46.95 8.03
C SER A 553 15.83 45.89 7.50
N SER A 554 15.06 45.24 8.36
CA SER A 554 14.09 44.23 7.92
C SER A 554 13.07 44.84 6.97
N LYS A 555 13.04 44.38 5.73
CA LYS A 555 12.01 44.81 4.80
C LYS A 555 10.77 43.92 4.89
N THR A 556 10.35 43.51 6.09
CA THR A 556 9.37 42.44 6.12
C THR A 556 8.58 42.46 7.43
N ILE A 557 9.14 43.02 8.49
CA ILE A 557 8.41 43.14 9.75
C ILE A 557 7.31 44.18 9.58
N THR A 558 6.07 43.78 9.84
CA THR A 558 4.96 44.71 9.91
C THR A 558 4.44 44.92 11.32
N THR A 559 4.59 43.93 12.21
CA THR A 559 4.23 44.10 13.61
C THR A 559 5.39 43.67 14.50
N PHE A 560 5.69 44.48 15.50
CA PHE A 560 6.73 44.17 16.44
C PHE A 560 6.27 44.67 17.82
N ASN A 561 5.33 43.97 18.45
CA ASN A 561 4.82 44.44 19.73
C ASN A 561 5.73 43.93 20.83
N VAL A 562 6.30 44.86 21.58
CA VAL A 562 7.33 44.54 22.54
C VAL A 562 7.01 45.32 23.82
N SER A 563 5.80 45.90 23.86
CA SER A 563 5.32 46.71 24.96
C SER A 563 5.30 45.93 26.28
N TYR A 564 5.15 46.68 27.37
CA TYR A 564 5.15 46.15 28.73
C TYR A 564 6.34 45.23 28.97
N ASN A 565 7.52 45.80 28.80
CA ASN A 565 8.79 45.15 29.10
C ASN A 565 9.69 46.18 29.78
N GLN A 566 10.95 45.82 29.98
CA GLN A 566 11.92 46.71 30.61
C GLN A 566 13.05 47.05 29.64
N LEU A 567 12.69 47.35 28.38
CA LEU A 567 13.69 47.67 27.39
C LEU A 567 14.20 49.09 27.57
N ILE A 568 15.37 49.36 26.98
CA ILE A 568 16.00 50.67 27.10
C ILE A 568 16.60 51.05 25.75
N GLY A 569 16.82 52.34 25.59
CA GLY A 569 17.51 52.84 24.43
C GLY A 569 16.60 53.32 23.33
N PRO A 570 17.23 53.73 22.21
CA PRO A 570 16.48 54.19 21.04
C PRO A 570 15.73 53.06 20.36
N ILE A 571 14.57 53.38 19.84
CA ILE A 571 13.88 52.50 18.88
C ILE A 571 14.61 52.57 17.53
N PRO A 572 14.70 51.49 16.78
CA PRO A 572 15.36 51.57 15.47
C PRO A 572 14.56 52.43 14.51
N SER A 573 15.21 52.81 13.42
CA SER A 573 14.59 53.55 12.33
C SER A 573 14.32 52.66 11.14
N GLY A 574 14.44 53.21 9.93
CA GLY A 574 14.28 52.47 8.70
C GLY A 574 12.88 51.94 8.46
N SER A 575 12.70 50.64 8.67
CA SER A 575 11.39 50.01 8.52
C SER A 575 10.69 49.86 9.85
N PHE A 576 11.18 50.55 10.86
CA PHE A 576 10.52 50.64 12.15
C PHE A 576 9.94 52.03 12.37
N ALA A 577 10.22 52.97 11.47
CA ALA A 577 9.78 54.34 11.66
C ALA A 577 8.29 54.55 11.45
N HIS A 578 7.58 53.60 10.84
CA HIS A 578 6.16 53.77 10.57
C HIS A 578 5.34 52.70 11.29
N LEU A 579 5.82 52.26 12.46
CA LEU A 579 5.14 51.27 13.26
C LEU A 579 4.29 51.93 14.33
N ASN A 580 3.40 51.15 14.90
CA ASN A 580 2.45 51.73 15.84
C ASN A 580 3.19 52.06 17.14
N PRO A 581 3.20 53.34 17.55
CA PRO A 581 3.82 53.68 18.84
C PRO A 581 3.36 52.81 20.00
N SER A 582 2.10 52.33 19.98
CA SER A 582 1.58 51.47 21.04
C SER A 582 2.48 50.25 21.26
N PHE A 583 3.18 49.82 20.22
CA PHE A 583 4.07 48.67 20.31
C PHE A 583 5.19 48.88 21.34
N PHE A 584 5.22 50.04 22.01
CA PHE A 584 6.23 50.34 23.02
C PHE A 584 5.55 50.95 24.25
N SER A 585 6.26 50.86 25.37
CA SER A 585 5.78 51.31 26.67
C SER A 585 6.79 51.05 27.78
N SER A 586 8.08 51.13 27.45
CA SER A 586 9.15 50.75 28.33
C SER A 586 10.02 51.94 28.74
N ASN A 587 10.68 52.62 27.78
CA ASN A 587 11.61 53.77 27.93
C ASN A 587 12.13 54.27 26.59
N GLU A 588 12.39 55.59 26.51
CA GLU A 588 12.95 56.37 25.40
C GLU A 588 12.85 55.78 24.00
N GLY A 589 13.13 56.56 23.00
CA GLY A 589 13.36 55.91 21.74
C GLY A 589 13.48 56.90 20.64
N LEU A 590 14.20 56.48 19.60
CA LEU A 590 14.50 57.28 18.42
C LEU A 590 13.38 58.24 18.08
N CYS A 591 13.76 59.51 18.03
CA CYS A 591 13.02 60.75 17.76
C CYS A 591 11.52 60.50 17.54
N GLY A 592 11.17 59.42 16.84
CA GLY A 592 9.81 58.98 16.62
C GLY A 592 8.95 58.75 17.86
N ASP A 593 9.35 59.38 18.97
CA ASP A 593 8.77 59.32 20.32
C ASP A 593 9.79 59.73 21.38
N LEU A 594 9.47 60.71 22.25
CA LEU A 594 10.37 61.13 23.35
C LEU A 594 11.82 61.29 22.92
N VAL A 595 12.34 62.50 22.65
CA VAL A 595 13.63 62.55 21.98
C VAL A 595 14.73 61.99 22.89
N GLY A 596 15.84 61.58 22.29
CA GLY A 596 16.94 60.91 22.98
C GLY A 596 17.81 61.72 23.92
N HIS B 1 -23.58 22.66 -19.65
CA HIS B 1 -22.70 22.96 -18.52
C HIS B 1 -22.70 21.79 -17.55
N GLU B 2 -21.68 21.72 -16.69
CA GLU B 2 -21.54 20.58 -15.81
C GLU B 2 -22.52 20.66 -14.65
N VAL B 3 -22.88 19.50 -14.11
CA VAL B 3 -23.87 19.41 -13.04
C VAL B 3 -23.31 18.51 -11.95
N HYP B 4 -23.40 18.94 -10.70
CA HYP B 4 -22.85 18.15 -9.63
C HYP B 4 -23.73 16.95 -9.33
O HYP B 4 -24.95 17.02 -9.41
CB HYP B 4 -22.77 19.07 -8.42
CG HYP B 4 -23.30 20.41 -8.81
CD HYP B 4 -23.86 20.28 -10.22
OD1 HYP B 4 -22.20 21.29 -8.82
N SER B 5 -23.09 15.84 -8.98
CA SER B 5 -23.77 14.64 -8.58
C SER B 5 -23.09 14.11 -7.35
N GLY B 6 -23.66 13.07 -6.76
CA GLY B 6 -23.12 12.45 -5.57
C GLY B 6 -23.61 13.08 -4.29
N HYP B 7 -23.08 12.62 -3.18
CA HYP B 7 -23.47 13.17 -1.89
C HYP B 7 -22.87 14.57 -1.68
O HYP B 7 -22.11 15.10 -2.49
CB HYP B 7 -22.91 12.19 -0.88
CG HYP B 7 -21.83 11.40 -1.59
CD HYP B 7 -22.08 11.54 -3.08
OD1 HYP B 7 -21.83 10.04 -1.19
N ASN B 8 -23.23 15.18 -0.57
CA ASN B 8 -22.77 16.53 -0.24
C ASN B 8 -21.26 16.60 0.14
N PRO B 9 -20.47 17.32 -0.64
CA PRO B 9 -19.01 17.32 -0.43
C PRO B 9 -18.55 18.09 0.81
N ILE B 10 -19.42 18.90 1.42
CA ILE B 10 -19.15 19.67 2.63
C ILE B 10 -18.38 18.87 3.68
N SER B 11 -17.32 19.46 4.25
CA SER B 11 -16.57 18.76 5.29
C SER B 11 -15.73 19.72 6.14
N ASN B 12 -15.19 19.16 7.22
CA ASN B 12 -14.45 19.97 8.18
C ASN B 12 -12.95 19.72 8.24
N LEU C 11 17.97 -3.13 39.33
CA LEU C 11 19.06 -2.57 40.13
C LEU C 11 20.42 -2.56 39.37
N SER C 12 20.40 -2.22 38.07
CA SER C 12 21.57 -2.13 37.18
C SER C 12 21.79 -0.68 36.73
N LEU C 13 22.66 -0.49 35.72
CA LEU C 13 23.11 0.82 35.24
C LEU C 13 23.25 1.86 36.36
N LYS C 14 23.80 1.44 37.51
CA LYS C 14 24.05 2.29 38.70
C LYS C 14 22.78 2.98 39.20
N THR C 15 21.71 2.19 39.37
CA THR C 15 20.44 2.72 39.87
C THR C 15 20.55 3.14 41.33
N SER C 16 20.63 2.18 42.24
CA SER C 16 20.72 2.47 43.66
C SER C 16 22.14 2.67 44.12
N LEU C 17 23.11 2.62 43.21
CA LEU C 17 24.52 2.82 43.55
C LEU C 17 25.00 1.69 44.46
N SER C 18 24.24 1.41 45.52
CA SER C 18 24.51 0.30 46.43
C SER C 18 25.84 0.48 47.18
N LYS C 28 29.83 11.12 44.02
CA LYS C 28 30.38 10.21 45.02
C LYS C 28 31.13 9.04 44.41
N VAL C 29 30.45 8.16 43.65
CA VAL C 29 31.06 6.98 43.03
C VAL C 29 30.35 6.87 41.66
N PRO C 30 30.45 5.76 40.82
CA PRO C 30 30.08 5.87 39.45
C PRO C 30 28.64 5.53 39.07
N VAL C 31 28.19 6.12 37.96
CA VAL C 31 26.88 5.94 37.38
C VAL C 31 27.08 5.96 35.89
N ASN C 32 28.36 6.00 35.52
CA ASN C 32 28.77 6.06 34.14
C ASN C 32 29.22 4.65 33.78
N GLY C 33 28.28 3.88 33.26
CA GLY C 33 28.53 2.51 32.87
C GLY C 33 29.01 2.36 31.45
N GLN C 34 29.27 3.47 30.76
CA GLN C 34 29.67 3.44 29.37
C GLN C 34 31.15 3.84 29.25
N ASN C 35 31.54 4.32 28.05
CA ASN C 35 32.90 4.58 27.53
C ASN C 35 33.51 3.22 27.27
N ASP C 36 33.43 2.71 26.02
CA ASP C 36 33.45 1.25 25.86
C ASP C 36 34.77 0.83 26.47
N ALA C 37 34.68 0.56 27.76
CA ALA C 37 35.81 0.17 28.56
C ALA C 37 35.78 -1.32 28.72
N VAL C 38 36.84 -1.81 29.30
CA VAL C 38 36.98 -3.18 29.58
C VAL C 38 36.68 -3.34 31.07
N TRP C 39 36.41 -4.58 31.51
CA TRP C 39 36.33 -5.05 32.93
C TRP C 39 37.37 -6.07 33.33
N CYS C 40 37.05 -6.74 34.42
CA CYS C 40 37.94 -6.96 35.52
C CYS C 40 38.60 -5.67 35.91
N SER C 41 37.91 -4.56 35.85
CA SER C 41 38.56 -3.41 36.47
C SER C 41 37.60 -2.32 36.72
N TRP C 42 36.49 -2.32 36.06
CA TRP C 42 35.49 -1.43 36.59
C TRP C 42 34.14 -2.12 36.76
N SER C 43 34.06 -3.44 36.64
CA SER C 43 32.99 -4.15 37.34
C SER C 43 33.50 -4.70 38.65
N GLY C 44 34.76 -4.48 38.98
CA GLY C 44 35.21 -4.90 40.28
C GLY C 44 34.96 -3.75 41.24
N VAL C 45 34.86 -2.51 40.73
CA VAL C 45 34.41 -1.37 41.55
C VAL C 45 32.93 -1.47 41.85
N VAL C 46 32.14 -1.70 40.78
CA VAL C 46 30.70 -1.92 40.88
C VAL C 46 30.38 -3.07 41.85
N CYS C 47 31.18 -4.13 41.84
CA CYS C 47 30.88 -5.24 42.75
C CYS C 47 31.34 -5.00 44.18
N ASP C 48 32.45 -4.27 44.38
CA ASP C 48 33.10 -4.25 45.70
C ASP C 48 32.35 -3.44 46.74
N ASN C 49 31.44 -2.58 46.31
CA ASN C 49 30.46 -2.02 47.24
C ASN C 49 29.99 -2.98 48.38
N VAL C 50 29.97 -4.30 48.17
CA VAL C 50 29.54 -5.34 49.12
C VAL C 50 28.13 -5.13 49.63
N THR C 51 27.23 -4.68 48.77
CA THR C 51 25.84 -4.49 49.16
C THR C 51 24.98 -5.64 48.66
N ALA C 52 24.04 -6.05 49.53
CA ALA C 52 22.99 -7.02 49.23
C ALA C 52 21.72 -6.33 48.72
N GLN C 53 21.82 -5.04 48.42
CA GLN C 53 20.78 -4.25 47.82
C GLN C 53 20.60 -4.58 46.32
N VAL C 54 21.49 -5.42 45.75
CA VAL C 54 21.57 -5.64 44.31
C VAL C 54 20.94 -7.00 43.99
N ILE C 55 19.79 -6.97 43.33
CA ILE C 55 19.07 -8.18 42.98
C ILE C 55 19.05 -8.45 41.48
N SER C 56 19.33 -7.45 40.65
CA SER C 56 19.38 -7.61 39.20
C SER C 56 20.57 -6.84 38.65
N LEU C 57 21.34 -7.48 37.78
CA LEU C 57 22.47 -6.82 37.15
C LEU C 57 22.43 -7.08 35.65
N ASP C 58 22.31 -6.01 34.86
CA ASP C 58 22.15 -6.10 33.42
C ASP C 58 23.27 -5.29 32.76
N LEU C 59 24.30 -5.98 32.29
CA LEU C 59 25.42 -5.35 31.61
C LEU C 59 25.43 -5.72 30.14
N SER C 60 24.26 -5.98 29.57
CA SER C 60 24.15 -6.40 28.19
C SER C 60 24.48 -5.24 27.25
N HIS C 61 25.05 -5.59 26.09
CA HIS C 61 25.30 -4.66 24.99
C HIS C 61 25.96 -3.36 25.48
N ARG C 62 27.08 -3.57 26.13
CA ARG C 62 27.93 -2.45 26.55
C ARG C 62 29.28 -2.51 25.86
N ASN C 63 29.44 -3.36 24.84
CA ASN C 63 30.67 -3.47 24.02
C ASN C 63 31.88 -3.87 24.82
N LEU C 64 31.67 -4.70 25.80
CA LEU C 64 32.74 -4.91 26.75
C LEU C 64 33.59 -6.17 26.43
N SER C 65 34.89 -6.11 26.76
CA SER C 65 35.92 -7.13 26.57
C SER C 65 36.59 -7.37 27.92
N GLY C 66 36.94 -8.66 28.24
CA GLY C 66 37.56 -9.09 29.52
C GLY C 66 37.07 -10.33 30.29
N ARG C 67 37.31 -10.46 31.62
CA ARG C 67 36.94 -11.65 32.43
C ARG C 67 36.00 -11.29 33.60
N ILE C 68 35.31 -12.26 34.19
CA ILE C 68 34.47 -11.99 35.36
C ILE C 68 35.36 -12.07 36.62
N PRO C 69 35.37 -11.05 37.46
CA PRO C 69 36.23 -11.07 38.65
C PRO C 69 35.69 -12.04 39.70
N ILE C 70 36.61 -12.71 40.43
CA ILE C 70 36.20 -13.54 41.58
C ILE C 70 35.24 -12.77 42.50
N GLN C 71 35.46 -11.48 42.70
CA GLN C 71 34.66 -10.73 43.66
C GLN C 71 33.16 -10.63 43.30
N ILE C 72 32.73 -11.15 42.16
CA ILE C 72 31.29 -11.11 41.86
C ILE C 72 30.49 -11.99 42.84
N ARG C 73 31.14 -12.97 43.48
CA ARG C 73 30.51 -13.82 44.48
C ARG C 73 29.87 -13.04 45.62
N TYR C 74 30.19 -11.76 45.78
CA TYR C 74 29.69 -10.96 46.90
C TYR C 74 28.36 -10.29 46.63
N LEU C 75 27.84 -10.37 45.41
CA LEU C 75 26.46 -9.95 45.13
C LEU C 75 25.51 -11.11 45.44
N SER C 76 25.48 -11.49 46.71
CA SER C 76 24.87 -12.76 47.11
C SER C 76 23.35 -12.80 46.95
N SER C 77 22.70 -11.67 46.69
CA SER C 77 21.25 -11.60 46.55
C SER C 77 20.81 -11.55 45.09
N LEU C 78 21.73 -11.75 44.15
CA LEU C 78 21.41 -11.61 42.73
C LEU C 78 20.34 -12.62 42.31
N LEU C 79 19.38 -12.14 41.55
CA LEU C 79 18.37 -12.97 40.90
C LEU C 79 18.55 -13.03 39.40
N TYR C 80 18.90 -11.90 38.80
CA TYR C 80 18.95 -11.70 37.37
C TYR C 80 20.36 -11.27 36.99
N LEU C 81 20.96 -11.99 36.04
CA LEU C 81 22.29 -11.62 35.54
C LEU C 81 22.32 -11.79 34.03
N ASN C 82 22.50 -10.68 33.32
CA ASN C 82 22.51 -10.67 31.86
C ASN C 82 23.79 -9.96 31.42
N LEU C 83 24.66 -10.71 30.75
CA LEU C 83 25.90 -10.17 30.23
C LEU C 83 25.97 -10.38 28.73
N SER C 84 24.82 -10.57 28.10
CA SER C 84 24.77 -11.03 26.71
C SER C 84 25.13 -9.91 25.77
N GLY C 85 25.65 -10.29 24.61
CA GLY C 85 26.00 -9.31 23.59
C GLY C 85 27.19 -8.46 23.96
N ASN C 86 28.23 -9.06 24.51
CA ASN C 86 29.48 -8.38 24.71
C ASN C 86 30.56 -9.20 24.02
N SER C 87 31.79 -9.05 24.49
CA SER C 87 32.95 -9.75 23.97
C SER C 87 33.67 -10.50 25.08
N LEU C 88 32.95 -10.85 26.16
CA LEU C 88 33.51 -11.60 27.27
C LEU C 88 34.25 -12.81 26.73
N GLU C 89 35.42 -13.12 27.31
CA GLU C 89 36.23 -14.24 26.82
C GLU C 89 36.77 -15.02 28.01
N GLY C 90 37.58 -16.03 27.70
CA GLY C 90 38.04 -16.96 28.71
C GLY C 90 37.02 -18.05 28.99
N SER C 91 37.43 -18.98 29.83
CA SER C 91 36.51 -20.03 30.20
C SER C 91 35.43 -19.46 31.10
N PHE C 92 34.37 -20.22 31.27
CA PHE C 92 33.27 -19.72 32.06
C PHE C 92 33.71 -19.53 33.51
N PRO C 93 33.40 -18.39 34.12
CA PRO C 93 33.83 -18.11 35.49
C PRO C 93 32.96 -18.85 36.50
N THR C 94 33.57 -19.83 37.18
CA THR C 94 32.82 -20.62 38.14
C THR C 94 32.41 -19.83 39.37
N SER C 95 32.89 -18.59 39.51
CA SER C 95 32.45 -17.72 40.59
C SER C 95 30.96 -17.46 40.52
N ILE C 96 30.42 -17.31 39.32
CA ILE C 96 28.99 -17.07 39.17
C ILE C 96 28.15 -18.18 39.85
N PHE C 97 28.68 -19.40 39.91
CA PHE C 97 27.97 -20.47 40.58
C PHE C 97 27.81 -20.26 42.09
N ASP C 98 28.52 -19.31 42.67
CA ASP C 98 28.32 -19.00 44.08
C ASP C 98 27.17 -18.03 44.31
N LEU C 99 26.52 -17.61 43.22
CA LEU C 99 25.32 -16.77 43.28
C LEU C 99 24.09 -17.67 43.49
N THR C 100 23.94 -18.17 44.72
CA THR C 100 22.98 -19.24 44.98
C THR C 100 21.53 -18.80 44.76
N LYS C 101 21.25 -17.50 44.73
CA LYS C 101 19.90 -17.01 44.53
C LYS C 101 19.57 -16.78 43.06
N LEU C 102 20.53 -16.98 42.17
CA LEU C 102 20.32 -16.72 40.75
C LEU C 102 19.13 -17.49 40.21
N THR C 103 18.25 -16.78 39.50
CA THR C 103 17.07 -17.36 38.89
C THR C 103 17.13 -17.35 37.36
N THR C 104 17.63 -16.29 36.71
CA THR C 104 17.86 -16.30 35.27
C THR C 104 19.29 -15.85 35.00
N LEU C 105 19.96 -16.54 34.07
CA LEU C 105 21.35 -16.26 33.73
C LEU C 105 21.51 -16.22 32.22
N ASP C 106 21.84 -15.04 31.68
CA ASP C 106 21.99 -14.87 30.23
C ASP C 106 23.44 -14.52 29.90
N ILE C 107 24.11 -15.46 29.24
CA ILE C 107 25.51 -15.45 28.88
C ILE C 107 25.69 -15.44 27.36
N SER C 108 24.57 -15.40 26.62
CA SER C 108 24.57 -15.60 25.18
C SER C 108 25.35 -14.51 24.43
N ARG C 109 25.75 -14.82 23.20
CA ARG C 109 26.49 -13.90 22.33
C ARG C 109 27.69 -13.27 23.04
N ASN C 110 28.61 -14.14 23.42
CA ASN C 110 29.91 -13.75 23.94
C ASN C 110 30.95 -14.67 23.31
N SER C 111 32.15 -14.69 23.88
CA SER C 111 33.28 -15.40 23.31
C SER C 111 33.88 -16.42 24.28
N PHE C 112 33.11 -16.86 25.27
CA PHE C 112 33.58 -17.85 26.24
C PHE C 112 34.01 -19.12 25.53
N ASP C 113 35.13 -19.72 25.96
CA ASP C 113 35.65 -20.91 25.31
C ASP C 113 35.99 -21.97 26.35
N SER C 114 36.54 -23.09 25.86
CA SER C 114 36.95 -24.26 26.65
C SER C 114 35.73 -25.06 27.08
N SER C 115 35.98 -26.26 27.63
CA SER C 115 34.91 -27.11 28.12
C SER C 115 34.11 -26.42 29.21
N PHE C 116 32.80 -26.64 29.23
CA PHE C 116 31.97 -25.96 30.21
C PHE C 116 32.26 -26.48 31.60
N PRO C 117 32.58 -25.63 32.58
CA PRO C 117 33.05 -26.13 33.87
C PRO C 117 31.91 -26.76 34.65
N PRO C 118 32.19 -27.80 35.41
CA PRO C 118 31.14 -28.37 36.25
C PRO C 118 30.85 -27.46 37.43
N GLY C 119 29.65 -27.59 37.95
CA GLY C 119 29.36 -26.83 39.12
C GLY C 119 28.16 -25.93 38.98
N ILE C 120 27.44 -25.94 37.84
CA ILE C 120 26.20 -25.17 37.68
C ILE C 120 25.22 -25.71 38.70
N SER C 121 25.56 -26.88 39.22
CA SER C 121 24.87 -27.41 40.41
C SER C 121 24.36 -26.46 41.52
N LYS C 122 25.17 -25.61 42.15
CA LYS C 122 24.72 -24.84 43.29
C LYS C 122 23.68 -23.77 42.93
N LEU C 123 23.42 -23.54 41.64
CA LEU C 123 22.31 -22.64 41.26
C LEU C 123 20.97 -23.39 41.23
N LYS C 124 20.52 -23.79 42.43
CA LYS C 124 19.40 -24.72 42.49
C LYS C 124 18.11 -24.11 41.98
N PHE C 125 17.94 -22.80 42.09
CA PHE C 125 16.72 -22.16 41.61
C PHE C 125 16.86 -21.58 40.22
N LEU C 126 17.88 -21.96 39.47
CA LEU C 126 18.04 -21.37 38.17
C LEU C 126 16.97 -21.93 37.26
N LYS C 127 16.27 -21.04 36.58
CA LYS C 127 15.11 -21.37 35.77
C LYS C 127 15.29 -20.99 34.30
N VAL C 128 16.23 -20.10 34.00
CA VAL C 128 16.55 -19.75 32.62
C VAL C 128 18.06 -19.64 32.46
N PHE C 129 18.62 -20.36 31.50
CA PHE C 129 20.03 -20.30 31.17
C PHE C 129 20.15 -20.14 29.67
N ASN C 130 20.62 -18.97 29.21
CA ASN C 130 20.84 -18.74 27.78
C ASN C 130 22.32 -18.50 27.56
N ALA C 131 22.95 -19.40 26.80
CA ALA C 131 24.36 -19.32 26.45
C ALA C 131 24.53 -19.42 24.93
N PHE C 132 23.49 -19.07 24.19
CA PHE C 132 23.52 -19.21 22.74
C PHE C 132 24.59 -18.30 22.14
N SER C 133 25.32 -18.85 21.17
CA SER C 133 26.41 -18.18 20.46
C SER C 133 27.61 -17.91 21.35
N ASN C 134 28.48 -18.92 21.47
CA ASN C 134 29.70 -18.79 22.25
C ASN C 134 30.80 -19.59 21.55
N ASN C 135 31.90 -19.83 22.26
CA ASN C 135 33.02 -20.58 21.73
C ASN C 135 33.25 -21.83 22.55
N PHE C 136 32.21 -22.35 23.20
CA PHE C 136 32.39 -23.48 24.09
C PHE C 136 32.82 -24.70 23.32
N GLU C 137 33.62 -25.53 23.96
CA GLU C 137 33.98 -26.78 23.35
C GLU C 137 33.85 -27.87 24.42
N GLY C 138 34.26 -29.07 24.05
CA GLY C 138 34.07 -30.22 24.90
C GLY C 138 32.65 -30.75 24.87
N LEU C 139 32.35 -31.58 25.87
CA LEU C 139 31.03 -32.20 25.98
C LEU C 139 30.05 -31.31 26.72
N LEU C 140 28.78 -31.42 26.35
CA LEU C 140 27.73 -30.72 27.07
C LEU C 140 27.82 -31.06 28.56
N PRO C 141 27.66 -30.07 29.45
CA PRO C 141 27.74 -30.37 30.89
C PRO C 141 26.61 -31.30 31.31
N SER C 142 26.96 -32.55 31.62
CA SER C 142 25.97 -33.48 32.17
C SER C 142 25.39 -32.98 33.48
N ASP C 143 26.11 -32.08 34.16
CA ASP C 143 25.69 -31.50 35.43
C ASP C 143 24.30 -30.86 35.34
N VAL C 144 23.97 -30.25 34.19
CA VAL C 144 22.73 -29.48 34.08
C VAL C 144 21.49 -30.29 34.44
N SER C 145 21.53 -31.59 34.22
CA SER C 145 20.40 -32.47 34.48
C SER C 145 19.87 -32.39 35.91
N ARG C 146 20.56 -31.72 36.81
CA ARG C 146 20.04 -31.69 38.17
C ARG C 146 19.53 -30.28 38.59
N LEU C 147 19.35 -29.36 37.64
CA LEU C 147 18.62 -28.09 37.87
C LEU C 147 17.15 -28.38 37.71
N ARG C 148 16.51 -28.65 38.81
CA ARG C 148 15.22 -29.24 38.65
C ARG C 148 14.11 -28.20 38.54
N PHE C 149 14.46 -26.91 38.63
CA PHE C 149 13.53 -25.83 38.37
C PHE C 149 13.65 -25.25 36.97
N LEU C 150 14.59 -25.73 36.17
CA LEU C 150 14.94 -25.03 34.93
C LEU C 150 13.81 -25.15 33.91
N GLU C 151 13.62 -24.08 33.12
CA GLU C 151 12.56 -24.01 32.13
C GLU C 151 13.03 -23.69 30.71
N GLU C 152 14.10 -22.92 30.55
CA GLU C 152 14.66 -22.63 29.23
C GLU C 152 16.13 -22.99 29.28
N LEU C 153 16.61 -23.77 28.31
CA LEU C 153 18.04 -24.03 28.22
C LEU C 153 18.47 -23.86 26.76
N ASN C 154 19.48 -23.01 26.53
CA ASN C 154 19.93 -22.69 25.18
C ASN C 154 21.45 -22.79 25.10
N PHE C 155 21.94 -23.85 24.45
CA PHE C 155 23.37 -24.05 24.24
C PHE C 155 23.73 -24.02 22.75
N GLY C 156 22.84 -23.55 21.88
CA GLY C 156 23.17 -23.47 20.49
C GLY C 156 24.25 -22.45 20.20
N GLY C 157 24.86 -22.60 19.03
CA GLY C 157 25.75 -21.59 18.52
C GLY C 157 27.17 -21.62 19.02
N SER C 158 27.64 -22.75 19.51
CA SER C 158 29.05 -22.89 19.89
C SER C 158 29.70 -24.06 19.14
N TYR C 159 30.61 -24.76 19.80
CA TYR C 159 31.35 -25.87 19.20
C TYR C 159 31.28 -27.10 20.09
N PHE C 160 30.11 -27.31 20.70
CA PHE C 160 29.91 -28.45 21.58
C PHE C 160 30.00 -29.76 20.82
N GLU C 161 30.53 -30.78 21.49
CA GLU C 161 30.79 -32.11 20.92
C GLU C 161 30.10 -33.20 21.72
N GLY C 162 30.00 -34.36 21.07
CA GLY C 162 29.53 -35.56 21.71
C GLY C 162 28.04 -35.76 21.56
N GLU C 163 27.53 -36.61 22.43
CA GLU C 163 26.12 -36.97 22.41
C GLU C 163 25.35 -36.04 23.32
N ILE C 164 24.03 -36.07 23.19
CA ILE C 164 23.21 -35.38 24.17
C ILE C 164 23.15 -36.27 25.42
N PRO C 165 23.54 -35.75 26.58
CA PRO C 165 23.44 -36.52 27.82
C PRO C 165 22.01 -37.00 28.05
N ALA C 166 21.82 -38.33 28.04
CA ALA C 166 20.47 -38.86 28.19
C ALA C 166 19.82 -38.40 29.49
N ALA C 167 20.61 -37.99 30.48
CA ALA C 167 20.09 -37.46 31.74
C ALA C 167 19.47 -36.07 31.57
N TYR C 168 19.63 -35.43 30.41
CA TYR C 168 18.87 -34.20 30.18
C TYR C 168 17.37 -34.48 30.12
N GLY C 169 16.97 -35.74 29.92
CA GLY C 169 15.58 -36.14 29.94
C GLY C 169 14.96 -36.22 31.33
N GLY C 170 15.76 -36.05 32.38
CA GLY C 170 15.24 -35.91 33.72
C GLY C 170 14.88 -34.50 34.09
N LEU C 171 15.14 -33.55 33.20
CA LEU C 171 14.77 -32.17 33.44
C LEU C 171 13.27 -32.06 33.25
N GLN C 172 12.48 -32.70 34.09
CA GLN C 172 11.07 -32.36 34.15
C GLN C 172 11.02 -30.88 34.47
N ARG C 173 9.95 -30.19 34.06
CA ARG C 173 9.74 -28.75 34.17
C ARG C 173 10.23 -28.02 32.95
N LEU C 174 11.06 -28.63 32.13
CA LEU C 174 11.70 -27.92 31.03
C LEU C 174 10.74 -27.68 29.87
N LYS C 175 10.71 -26.46 29.36
CA LYS C 175 9.77 -26.08 28.32
C LYS C 175 10.44 -25.68 27.01
N PHE C 176 11.70 -25.26 27.02
CA PHE C 176 12.41 -24.80 25.84
C PHE C 176 13.81 -25.36 25.87
N ILE C 177 14.25 -25.98 24.77
CA ILE C 177 15.64 -26.39 24.68
C ILE C 177 16.15 -26.12 23.27
N HIS C 178 17.32 -25.50 23.20
CA HIS C 178 18.01 -25.18 21.96
C HIS C 178 19.44 -25.68 22.09
N LEU C 179 19.85 -26.55 21.16
CA LEU C 179 21.24 -26.97 21.05
C LEU C 179 21.65 -27.00 19.59
N ALA C 180 20.87 -26.36 18.74
CA ALA C 180 21.17 -26.29 17.33
C ALA C 180 22.50 -25.59 17.08
N GLY C 181 23.21 -26.04 16.05
CA GLY C 181 24.38 -25.33 15.62
C GLY C 181 25.59 -25.52 16.50
N ASN C 182 25.92 -26.79 16.74
CA ASN C 182 27.20 -27.17 17.32
C ASN C 182 27.74 -28.26 16.40
N VAL C 183 28.56 -29.16 16.95
CA VAL C 183 29.04 -30.32 16.21
C VAL C 183 28.70 -31.56 17.04
N LEU C 184 27.48 -31.61 17.55
CA LEU C 184 27.01 -32.77 18.30
C LEU C 184 26.73 -33.92 17.36
N GLY C 185 26.60 -35.11 17.92
CA GLY C 185 26.34 -36.25 17.09
C GLY C 185 25.89 -37.46 17.88
N GLY C 186 26.04 -38.62 17.26
CA GLY C 186 25.51 -39.83 17.83
C GLY C 186 24.04 -39.99 17.55
N LYS C 187 23.42 -40.90 18.31
CA LYS C 187 22.00 -41.14 18.17
C LYS C 187 21.26 -40.20 19.12
N LEU C 188 20.07 -39.76 18.69
CA LEU C 188 19.22 -38.98 19.58
C LEU C 188 18.80 -39.84 20.78
N PRO C 189 18.99 -39.37 22.01
CA PRO C 189 18.64 -40.15 23.20
C PRO C 189 17.14 -40.33 23.32
N PRO C 190 16.65 -41.58 23.27
CA PRO C 190 15.21 -41.82 23.45
C PRO C 190 14.63 -41.21 24.71
N ARG C 191 15.43 -41.05 25.77
CA ARG C 191 14.90 -40.57 27.03
C ARG C 191 14.45 -39.10 26.99
N LEU C 192 14.98 -38.29 26.07
CA LEU C 192 14.50 -36.90 25.98
C LEU C 192 12.99 -36.84 25.81
N GLY C 193 12.40 -37.90 25.24
CA GLY C 193 10.96 -37.99 25.10
C GLY C 193 10.19 -37.98 26.42
N LEU C 194 10.87 -37.97 27.56
CA LEU C 194 10.17 -37.85 28.82
C LEU C 194 10.13 -36.42 29.33
N LEU C 195 10.60 -35.46 28.54
CA LEU C 195 10.41 -34.07 28.93
C LEU C 195 8.92 -33.73 28.79
N THR C 196 8.19 -33.98 29.88
CA THR C 196 6.74 -33.86 29.95
C THR C 196 6.22 -32.49 29.50
N GLU C 197 6.98 -31.44 29.77
CA GLU C 197 6.50 -30.07 29.61
C GLU C 197 7.16 -29.36 28.44
N LEU C 198 8.00 -30.07 27.68
CA LEU C 198 8.74 -29.45 26.60
C LEU C 198 7.80 -28.92 25.53
N GLN C 199 7.84 -27.61 25.29
CA GLN C 199 7.05 -27.01 24.22
C GLN C 199 7.86 -26.79 22.95
N HIS C 200 9.17 -26.58 23.09
CA HIS C 200 10.03 -26.10 22.01
C HIS C 200 11.32 -26.89 22.01
N MET C 201 11.63 -27.57 20.92
CA MET C 201 12.92 -28.27 20.85
C MET C 201 13.59 -28.01 19.50
N GLU C 202 14.73 -27.30 19.53
CA GLU C 202 15.48 -26.87 18.34
C GLU C 202 16.91 -27.41 18.45
N ILE C 203 17.21 -28.51 17.76
CA ILE C 203 18.50 -29.19 17.95
C ILE C 203 19.18 -29.57 16.64
N GLY C 204 18.74 -29.00 15.53
CA GLY C 204 19.32 -29.29 14.24
C GLY C 204 20.67 -28.64 14.07
N TYR C 205 21.19 -28.75 12.84
CA TYR C 205 22.51 -28.23 12.49
C TYR C 205 23.57 -28.87 13.38
N ASN C 206 23.50 -30.20 13.47
CA ASN C 206 24.52 -31.01 14.13
C ASN C 206 24.82 -32.19 13.21
N HIS C 207 25.35 -33.27 13.78
CA HIS C 207 25.73 -34.45 13.01
C HIS C 207 25.03 -35.70 13.52
N PHE C 208 23.86 -35.53 14.15
CA PHE C 208 23.13 -36.68 14.66
C PHE C 208 22.83 -37.66 13.53
N ASN C 209 22.91 -38.95 13.82
CA ASN C 209 22.58 -40.02 12.91
C ASN C 209 21.51 -40.91 13.56
N GLY C 210 21.08 -41.93 12.82
CA GLY C 210 20.01 -42.77 13.30
C GLY C 210 18.66 -42.13 13.04
N ASN C 211 17.61 -42.68 13.67
CA ASN C 211 16.25 -42.18 13.46
C ASN C 211 15.85 -41.30 14.63
N ILE C 212 14.70 -40.67 14.46
CA ILE C 212 14.03 -39.99 15.56
C ILE C 212 13.37 -41.03 16.46
N PRO C 213 13.69 -41.03 17.75
CA PRO C 213 13.10 -41.98 18.68
C PRO C 213 11.59 -41.85 18.72
N SER C 214 10.89 -42.98 18.70
CA SER C 214 9.44 -42.87 18.76
C SER C 214 8.97 -42.41 20.13
N GLU C 215 9.82 -42.45 21.16
CA GLU C 215 9.45 -41.95 22.47
C GLU C 215 9.18 -40.45 22.42
N PHE C 216 9.72 -39.76 21.41
CA PHE C 216 9.36 -38.37 21.19
C PHE C 216 7.87 -38.20 20.97
N ALA C 217 7.15 -39.29 20.70
CA ALA C 217 5.71 -39.26 20.59
C ALA C 217 5.01 -39.00 21.91
N LEU C 218 5.77 -38.85 22.99
CA LEU C 218 5.21 -38.56 24.31
C LEU C 218 5.28 -37.09 24.68
N LEU C 219 5.87 -36.25 23.83
CA LEU C 219 5.96 -34.83 24.13
C LEU C 219 4.64 -34.17 23.73
N SER C 220 3.63 -34.44 24.55
CA SER C 220 2.29 -34.00 24.21
C SER C 220 2.17 -32.49 24.19
N ASN C 221 3.08 -31.76 24.83
CA ASN C 221 3.00 -30.31 24.86
C ASN C 221 3.80 -29.62 23.77
N LEU C 222 4.41 -30.39 22.86
CA LEU C 222 5.38 -29.85 21.92
C LEU C 222 4.71 -29.00 20.83
N LYS C 223 5.17 -27.75 20.70
CA LYS C 223 4.67 -26.86 19.67
C LYS C 223 5.64 -26.68 18.51
N TYR C 224 6.92 -26.91 18.73
CA TYR C 224 7.95 -26.58 17.75
C TYR C 224 8.98 -27.69 17.76
N PHE C 225 9.19 -28.31 16.61
CA PHE C 225 10.15 -29.41 16.53
C PHE C 225 11.04 -29.19 15.32
N ASP C 226 12.31 -28.86 15.56
CA ASP C 226 13.22 -28.67 14.44
C ASP C 226 14.03 -29.94 14.23
N VAL C 227 15.32 -29.94 14.52
CA VAL C 227 16.30 -30.98 14.18
C VAL C 227 16.37 -31.27 12.68
N SER C 228 17.00 -30.38 11.94
CA SER C 228 17.19 -30.50 10.50
C SER C 228 18.64 -30.15 10.17
N ASN C 229 19.04 -30.36 8.91
CA ASN C 229 20.45 -30.22 8.52
C ASN C 229 21.36 -31.00 9.48
N CYS C 230 20.94 -32.22 9.78
CA CYS C 230 21.73 -33.22 10.48
C CYS C 230 22.03 -34.36 9.51
N SER C 231 22.31 -35.53 10.05
CA SER C 231 22.63 -36.72 9.28
C SER C 231 21.65 -37.85 9.60
N LEU C 232 20.38 -37.52 9.81
CA LEU C 232 19.42 -38.54 10.27
C LEU C 232 19.04 -39.48 9.11
N SER C 233 18.38 -40.58 9.46
CA SER C 233 18.00 -41.60 8.48
C SER C 233 16.92 -42.52 9.06
N GLY C 234 16.42 -43.38 8.18
CA GLY C 234 15.31 -44.26 8.50
C GLY C 234 14.02 -43.79 7.86
N SER C 235 12.97 -44.54 8.15
CA SER C 235 11.63 -44.09 7.88
C SER C 235 11.24 -43.03 8.92
N LEU C 236 10.32 -42.15 8.55
CA LEU C 236 9.76 -41.22 9.53
C LEU C 236 8.86 -41.98 10.50
N PRO C 237 9.08 -41.82 11.81
CA PRO C 237 8.31 -42.59 12.81
C PRO C 237 6.82 -42.30 12.74
N GLN C 238 6.04 -43.36 12.48
CA GLN C 238 4.59 -43.21 12.45
C GLN C 238 4.04 -42.68 13.77
N GLU C 239 4.73 -42.95 14.86
CA GLU C 239 4.21 -42.55 16.16
C GLU C 239 4.09 -41.04 16.33
N LEU C 240 4.80 -40.24 15.53
CA LEU C 240 4.75 -38.81 15.81
C LEU C 240 3.45 -38.14 15.35
N GLY C 241 2.54 -38.90 14.73
CA GLY C 241 1.21 -38.38 14.57
C GLY C 241 0.54 -38.09 15.89
N ASN C 242 1.03 -38.72 16.97
CA ASN C 242 0.52 -38.50 18.31
C ASN C 242 0.75 -37.07 18.80
N LEU C 243 1.70 -36.33 18.20
CA LEU C 243 2.02 -34.99 18.69
C LEU C 243 1.05 -33.99 18.06
N SER C 244 -0.12 -33.83 18.66
CA SER C 244 -1.00 -32.74 18.28
C SER C 244 -0.35 -31.50 18.86
N ASN C 245 -1.08 -30.40 19.06
CA ASN C 245 -0.44 -29.24 19.69
C ASN C 245 0.75 -28.67 18.91
N LEU C 246 1.51 -29.55 18.25
CA LEU C 246 2.64 -29.19 17.41
C LEU C 246 2.25 -28.26 16.26
N GLU C 247 3.00 -27.17 16.10
CA GLU C 247 2.72 -26.21 15.04
C GLU C 247 3.84 -26.12 14.02
N THR C 248 5.05 -26.57 14.35
CA THR C 248 6.22 -26.39 13.50
C THR C 248 6.99 -27.70 13.47
N LEU C 249 7.17 -28.25 12.27
CA LEU C 249 7.85 -29.52 12.07
C LEU C 249 8.86 -29.34 10.94
N PHE C 250 10.13 -29.16 11.27
CA PHE C 250 11.20 -29.03 10.28
C PHE C 250 12.11 -30.25 10.33
N LEU C 251 12.20 -30.99 9.22
CA LEU C 251 13.16 -32.08 9.15
C LEU C 251 13.89 -32.11 7.84
N PHE C 252 14.14 -30.95 7.26
CA PHE C 252 14.75 -30.92 5.97
C PHE C 252 16.25 -31.16 6.10
N GLN C 253 16.87 -31.47 4.94
CA GLN C 253 18.32 -31.64 4.82
C GLN C 253 18.83 -32.74 5.74
N ASN C 254 18.14 -33.88 5.69
CA ASN C 254 18.60 -35.11 6.32
C ASN C 254 18.65 -36.21 5.29
N GLY C 255 18.47 -37.43 5.76
CA GLY C 255 18.49 -38.60 4.89
C GLY C 255 17.30 -39.52 5.04
N PHE C 256 16.15 -38.97 5.45
CA PHE C 256 14.95 -39.79 5.62
C PHE C 256 14.50 -40.43 4.31
N THR C 257 14.20 -41.72 4.38
CA THR C 257 13.67 -42.47 3.25
C THR C 257 12.26 -42.96 3.58
N GLY C 258 11.71 -43.78 2.71
CA GLY C 258 10.39 -44.31 2.96
C GLY C 258 9.32 -43.29 2.66
N GLU C 259 8.11 -43.59 3.10
CA GLU C 259 6.96 -42.75 2.82
C GLU C 259 6.62 -41.91 4.04
N ILE C 260 5.92 -40.82 3.79
CA ILE C 260 5.33 -39.99 4.84
C ILE C 260 4.23 -40.78 5.54
N PRO C 261 4.34 -41.00 6.85
CA PRO C 261 3.24 -41.62 7.59
C PRO C 261 1.90 -40.94 7.32
N GLU C 262 0.88 -41.73 7.05
CA GLU C 262 -0.47 -41.17 7.05
C GLU C 262 -0.91 -40.74 8.46
N SER C 263 -0.25 -41.25 9.51
CA SER C 263 -0.52 -40.79 10.85
C SER C 263 -0.26 -39.30 11.01
N TYR C 264 0.49 -38.70 10.09
CA TYR C 264 0.76 -37.28 10.26
C TYR C 264 -0.45 -36.42 9.90
N SER C 265 -1.51 -37.00 9.38
CA SER C 265 -2.73 -36.24 9.14
C SER C 265 -3.45 -35.84 10.42
N ASN C 266 -3.00 -36.32 11.57
CA ASN C 266 -3.63 -35.96 12.83
C ASN C 266 -2.91 -34.79 13.50
N LEU C 267 -1.88 -34.22 12.85
CA LEU C 267 -1.24 -33.05 13.42
C LEU C 267 -2.08 -31.83 13.14
N LYS C 268 -3.19 -31.72 13.87
CA LYS C 268 -4.23 -30.74 13.59
C LYS C 268 -3.81 -29.32 13.92
N SER C 269 -2.70 -29.12 14.62
CA SER C 269 -2.22 -27.79 14.95
C SER C 269 -1.14 -27.31 14.00
N LEU C 270 -0.66 -28.19 13.12
CA LEU C 270 0.50 -27.90 12.30
C LEU C 270 0.30 -26.67 11.43
N LYS C 271 1.23 -25.72 11.52
CA LYS C 271 1.19 -24.55 10.65
C LYS C 271 2.27 -24.60 9.57
N LEU C 272 3.43 -25.13 9.89
CA LEU C 272 4.56 -25.20 8.96
C LEU C 272 5.08 -26.62 8.89
N LEU C 273 5.19 -27.15 7.68
CA LEU C 273 5.82 -28.45 7.44
C LEU C 273 6.90 -28.29 6.38
N ASP C 274 8.09 -28.85 6.66
CA ASP C 274 9.23 -28.76 5.74
C ASP C 274 10.02 -30.07 5.80
N PHE C 275 9.86 -30.93 4.77
CA PHE C 275 10.61 -32.18 4.62
C PHE C 275 11.59 -32.13 3.45
N SER C 276 11.93 -30.92 3.00
CA SER C 276 12.71 -30.78 1.77
C SER C 276 14.09 -31.39 1.92
N SER C 277 14.65 -31.85 0.80
CA SER C 277 16.02 -32.38 0.78
C SER C 277 16.15 -33.64 1.65
N ASN C 278 15.30 -34.61 1.38
CA ASN C 278 15.53 -35.96 1.87
C ASN C 278 15.38 -36.95 0.71
N GLN C 279 14.89 -38.14 1.02
CA GLN C 279 14.73 -39.17 0.00
C GLN C 279 13.36 -39.83 0.13
N LEU C 280 12.34 -39.07 0.54
CA LEU C 280 11.04 -39.67 0.73
C LEU C 280 10.44 -40.12 -0.59
N SER C 281 9.68 -41.22 -0.52
CA SER C 281 9.11 -41.92 -1.65
C SER C 281 7.60 -41.92 -1.46
N GLY C 282 6.89 -42.30 -2.52
CA GLY C 282 5.48 -42.53 -2.38
C GLY C 282 4.72 -41.25 -2.63
N SER C 283 3.54 -41.13 -2.04
CA SER C 283 2.63 -40.03 -2.30
C SER C 283 2.53 -39.12 -1.09
N ILE C 284 2.12 -37.89 -1.35
CA ILE C 284 1.64 -37.00 -0.29
C ILE C 284 0.40 -37.67 0.30
N PRO C 285 0.40 -37.98 1.60
CA PRO C 285 -0.78 -38.66 2.18
C PRO C 285 -2.01 -37.77 2.12
N SER C 286 -3.13 -38.34 1.66
CA SER C 286 -4.32 -37.55 1.39
C SER C 286 -4.98 -37.02 2.65
N GLY C 287 -4.65 -37.60 3.80
CA GLY C 287 -5.06 -36.98 5.04
C GLY C 287 -4.48 -35.59 5.23
N PHE C 288 -3.36 -35.26 4.58
CA PHE C 288 -2.83 -33.90 4.62
C PHE C 288 -3.89 -32.87 4.29
N SER C 289 -4.92 -33.29 3.56
CA SER C 289 -6.00 -32.42 3.18
C SER C 289 -6.88 -32.05 4.38
N THR C 290 -6.60 -32.62 5.55
CA THR C 290 -7.31 -32.28 6.77
C THR C 290 -6.59 -31.24 7.62
N LEU C 291 -5.29 -31.01 7.39
CA LEU C 291 -4.52 -30.07 8.20
C LEU C 291 -4.91 -28.63 7.85
N LYS C 292 -6.04 -28.17 8.44
CA LYS C 292 -6.65 -26.89 8.06
C LYS C 292 -5.92 -25.71 8.60
N ASN C 293 -4.83 -25.91 9.31
CA ASN C 293 -4.04 -24.78 9.78
C ASN C 293 -2.74 -24.62 9.01
N LEU C 294 -2.49 -25.48 8.03
CA LEU C 294 -1.24 -25.42 7.28
C LEU C 294 -1.10 -24.10 6.55
N THR C 295 -0.02 -23.41 6.81
CA THR C 295 0.33 -22.24 6.02
C THR C 295 1.50 -22.51 5.08
N TRP C 296 2.36 -23.47 5.40
CA TRP C 296 3.60 -23.68 4.67
C TRP C 296 3.78 -25.17 4.47
N LEU C 297 3.72 -25.62 3.23
CA LEU C 297 3.94 -27.02 2.87
C LEU C 297 5.09 -27.09 1.89
N SER C 298 6.20 -27.70 2.34
CA SER C 298 7.41 -27.76 1.55
C SER C 298 7.98 -29.18 1.55
N LEU C 299 8.11 -29.76 0.35
CA LEU C 299 8.65 -31.10 0.13
C LEU C 299 9.66 -31.13 -1.02
N ILE C 300 10.32 -30.01 -1.29
CA ILE C 300 11.31 -29.89 -2.34
C ILE C 300 12.35 -31.01 -2.29
N SER C 301 12.78 -31.48 -3.45
CA SER C 301 13.95 -32.36 -3.58
C SER C 301 13.80 -33.63 -2.73
N ASN C 302 12.80 -34.42 -3.14
CA ASN C 302 12.58 -35.77 -2.65
C ASN C 302 12.27 -36.63 -3.85
N ASN C 303 11.91 -37.90 -3.59
CA ASN C 303 11.47 -38.81 -4.65
C ASN C 303 9.96 -39.01 -4.63
N LEU C 304 9.17 -37.98 -4.32
CA LEU C 304 7.73 -38.17 -4.23
C LEU C 304 7.11 -38.32 -5.62
N SER C 305 5.90 -38.87 -5.62
CA SER C 305 5.29 -39.30 -6.85
C SER C 305 3.78 -39.30 -6.69
N GLY C 306 3.09 -39.86 -7.67
CA GLY C 306 1.65 -39.90 -7.70
C GLY C 306 1.07 -38.51 -7.87
N GLU C 307 -0.22 -38.41 -7.59
CA GLU C 307 -0.98 -37.17 -7.76
C GLU C 307 -1.08 -36.41 -6.43
N VAL C 308 -1.32 -35.12 -6.55
CA VAL C 308 -1.44 -34.26 -5.37
C VAL C 308 -2.90 -34.30 -4.95
N PRO C 309 -3.18 -34.63 -3.69
CA PRO C 309 -4.57 -34.71 -3.25
C PRO C 309 -5.32 -33.42 -3.55
N GLU C 310 -6.48 -33.58 -4.19
CA GLU C 310 -7.28 -32.44 -4.62
C GLU C 310 -7.55 -31.46 -3.48
N GLY C 311 -7.73 -31.99 -2.27
CA GLY C 311 -8.10 -31.15 -1.15
C GLY C 311 -7.04 -30.17 -0.73
N ILE C 312 -5.81 -30.32 -1.23
CA ILE C 312 -4.78 -29.37 -0.88
C ILE C 312 -5.08 -28.01 -1.47
N GLY C 313 -5.84 -27.97 -2.58
CA GLY C 313 -6.36 -26.74 -3.14
C GLY C 313 -7.48 -26.11 -2.35
N GLU C 314 -7.85 -26.70 -1.22
CA GLU C 314 -8.91 -26.16 -0.39
C GLU C 314 -8.46 -25.88 1.03
N LEU C 315 -7.17 -26.05 1.33
CA LEU C 315 -6.66 -25.69 2.65
C LEU C 315 -6.91 -24.20 2.89
N PRO C 316 -7.63 -23.83 3.93
CA PRO C 316 -8.06 -22.42 4.10
C PRO C 316 -6.94 -21.44 4.40
N GLU C 317 -5.80 -21.88 4.92
CA GLU C 317 -4.76 -20.96 5.36
C GLU C 317 -3.46 -21.10 4.60
N LEU C 318 -3.41 -21.98 3.60
CA LEU C 318 -2.15 -22.28 2.93
C LEU C 318 -1.67 -21.07 2.15
N THR C 319 -0.41 -20.74 2.33
CA THR C 319 0.14 -19.55 1.73
C THR C 319 1.35 -19.86 0.84
N THR C 320 2.08 -20.94 1.14
CA THR C 320 3.32 -21.30 0.48
C THR C 320 3.21 -22.77 0.11
N LEU C 321 3.51 -23.10 -1.15
CA LEU C 321 3.37 -24.48 -1.61
C LEU C 321 4.57 -24.80 -2.48
N PHE C 322 5.51 -25.56 -1.92
CA PHE C 322 6.76 -25.95 -2.56
C PHE C 322 6.76 -27.46 -2.77
N LEU C 323 6.69 -27.89 -4.04
CA LEU C 323 6.73 -29.31 -4.38
C LEU C 323 7.77 -29.67 -5.44
N TRP C 324 8.73 -28.79 -5.70
CA TRP C 324 9.57 -28.96 -6.88
C TRP C 324 10.69 -29.96 -6.67
N ASN C 325 11.13 -30.53 -7.80
CA ASN C 325 12.15 -31.58 -7.83
C ASN C 325 11.66 -32.87 -7.19
N ASN C 326 10.50 -33.31 -7.66
CA ASN C 326 9.97 -34.64 -7.42
C ASN C 326 9.59 -35.17 -8.81
N ASN C 327 8.64 -36.11 -8.84
CA ASN C 327 8.03 -36.69 -10.03
C ASN C 327 6.54 -36.81 -9.75
N PHE C 328 5.90 -35.70 -9.42
CA PHE C 328 4.46 -35.76 -9.25
C PHE C 328 3.82 -35.92 -10.61
N THR C 329 2.81 -36.80 -10.69
CA THR C 329 2.04 -36.98 -11.91
C THR C 329 0.68 -36.35 -11.73
N GLY C 330 -0.10 -36.34 -12.81
CA GLY C 330 -1.48 -35.90 -12.72
C GLY C 330 -1.64 -34.41 -12.91
N VAL C 331 -2.78 -33.94 -12.43
CA VAL C 331 -3.21 -32.56 -12.61
C VAL C 331 -2.99 -31.80 -11.31
N LEU C 332 -2.93 -30.46 -11.42
CA LEU C 332 -2.91 -29.62 -10.23
C LEU C 332 -4.34 -29.42 -9.69
N PRO C 333 -4.52 -29.42 -8.36
CA PRO C 333 -5.89 -29.27 -7.80
C PRO C 333 -6.62 -28.03 -8.29
N HIS C 334 -7.74 -28.29 -8.97
CA HIS C 334 -8.63 -27.31 -9.58
C HIS C 334 -8.82 -26.01 -8.81
N LYS C 335 -9.04 -26.09 -7.50
CA LYS C 335 -9.40 -24.92 -6.72
C LYS C 335 -8.25 -24.27 -6.00
N LEU C 336 -7.01 -24.67 -6.29
CA LEU C 336 -5.85 -24.07 -5.64
C LEU C 336 -5.87 -22.56 -5.85
N GLY C 337 -5.71 -21.82 -4.76
CA GLY C 337 -5.76 -20.39 -4.76
C GLY C 337 -7.09 -19.81 -4.34
N SER C 338 -8.15 -20.61 -4.36
CA SER C 338 -9.49 -20.10 -4.06
C SER C 338 -9.68 -19.77 -2.59
N ASN C 339 -8.75 -20.18 -1.73
CA ASN C 339 -8.77 -19.69 -0.36
C ASN C 339 -8.41 -18.22 -0.27
N GLY C 340 -7.94 -17.63 -1.36
CA GLY C 340 -7.64 -16.21 -1.39
C GLY C 340 -6.39 -15.81 -0.65
N LYS C 341 -5.50 -16.76 -0.37
CA LYS C 341 -4.30 -16.51 0.43
C LYS C 341 -2.98 -16.94 -0.22
N LEU C 342 -2.99 -17.66 -1.33
CA LEU C 342 -1.74 -18.15 -1.90
C LEU C 342 -0.78 -17.00 -2.19
N GLU C 343 0.47 -17.17 -1.79
CA GLU C 343 1.49 -16.16 -2.06
C GLU C 343 2.58 -16.66 -3.00
N THR C 344 3.19 -17.80 -2.69
CA THR C 344 4.22 -18.40 -3.52
C THR C 344 3.86 -19.84 -3.81
N MET C 345 4.03 -20.22 -5.06
CA MET C 345 3.85 -21.61 -5.44
C MET C 345 4.97 -21.97 -6.40
N ASP C 346 5.62 -23.11 -6.17
CA ASP C 346 6.72 -23.57 -7.00
C ASP C 346 6.60 -25.08 -7.12
N VAL C 347 6.23 -25.56 -8.30
CA VAL C 347 6.09 -26.99 -8.55
C VAL C 347 6.95 -27.39 -9.75
N SER C 348 8.03 -26.66 -9.99
CA SER C 348 8.88 -26.91 -11.15
C SER C 348 9.50 -28.31 -11.08
N ASN C 349 9.96 -28.82 -12.24
CA ASN C 349 10.68 -30.10 -12.31
C ASN C 349 9.82 -31.27 -11.85
N ASN C 350 8.61 -31.39 -12.41
CA ASN C 350 7.77 -32.55 -12.15
C ASN C 350 7.19 -33.08 -13.46
N SER C 351 6.13 -33.84 -13.36
CA SER C 351 5.42 -34.34 -14.53
C SER C 351 3.96 -33.95 -14.45
N PHE C 352 3.67 -32.75 -13.97
CA PHE C 352 2.28 -32.31 -13.92
C PHE C 352 1.71 -32.16 -15.34
N THR C 353 0.39 -32.38 -15.43
CA THR C 353 -0.31 -32.22 -16.70
C THR C 353 -1.57 -31.38 -16.53
N GLY C 354 -2.39 -31.33 -17.56
CA GLY C 354 -3.60 -30.53 -17.46
C GLY C 354 -3.35 -29.04 -17.52
N THR C 355 -4.40 -28.30 -17.23
CA THR C 355 -4.34 -26.85 -17.37
C THR C 355 -3.84 -26.22 -16.08
N ILE C 356 -3.54 -24.93 -16.19
CA ILE C 356 -3.15 -24.11 -15.05
C ILE C 356 -4.43 -23.60 -14.40
N PRO C 357 -4.68 -23.90 -13.13
CA PRO C 357 -5.90 -23.42 -12.49
C PRO C 357 -6.05 -21.91 -12.58
N SER C 358 -7.29 -21.47 -12.78
CA SER C 358 -7.60 -20.06 -12.89
C SER C 358 -7.62 -19.35 -11.54
N SER C 359 -7.80 -20.09 -10.46
CA SER C 359 -8.00 -19.50 -9.15
C SER C 359 -6.70 -19.16 -8.43
N LEU C 360 -5.53 -19.39 -9.04
CA LEU C 360 -4.27 -19.34 -8.28
C LEU C 360 -4.02 -17.99 -7.63
N CYS C 361 -4.47 -16.89 -8.25
CA CYS C 361 -4.17 -15.56 -7.71
C CYS C 361 -5.38 -14.86 -7.09
N HIS C 362 -6.53 -15.52 -7.00
CA HIS C 362 -7.65 -15.03 -6.21
C HIS C 362 -7.18 -14.40 -4.91
N GLY C 363 -7.55 -13.13 -4.69
CA GLY C 363 -7.09 -12.38 -3.54
C GLY C 363 -5.92 -11.46 -3.82
N ASN C 364 -5.28 -11.60 -4.98
CA ASN C 364 -4.08 -10.84 -5.35
C ASN C 364 -3.01 -10.79 -4.24
N LYS C 365 -2.64 -11.96 -3.74
CA LYS C 365 -1.48 -12.11 -2.86
C LYS C 365 -0.37 -12.89 -3.53
N LEU C 366 -0.67 -13.53 -4.65
CA LEU C 366 0.32 -14.35 -5.35
C LEU C 366 1.32 -13.43 -6.03
N TYR C 367 2.59 -13.58 -5.68
CA TYR C 367 3.62 -12.79 -6.30
C TYR C 367 4.70 -13.60 -6.98
N LYS C 368 4.82 -14.89 -6.68
CA LYS C 368 5.83 -15.77 -7.25
C LYS C 368 5.16 -17.05 -7.71
N LEU C 369 5.19 -17.31 -9.01
CA LEU C 369 4.52 -18.47 -9.62
C LEU C 369 5.52 -19.20 -10.50
N ILE C 370 5.99 -20.35 -10.05
CA ILE C 370 7.02 -21.13 -10.74
C ILE C 370 6.41 -22.49 -11.14
N LEU C 371 6.34 -22.73 -12.45
CA LEU C 371 5.72 -23.93 -13.01
C LEU C 371 6.57 -24.59 -14.09
N PHE C 372 7.84 -24.23 -14.21
CA PHE C 372 8.62 -24.65 -15.36
C PHE C 372 9.04 -26.11 -15.25
N SER C 373 9.30 -26.71 -16.41
CA SER C 373 9.73 -28.10 -16.54
C SER C 373 8.66 -29.07 -16.04
N ASN C 374 7.48 -28.93 -16.63
CA ASN C 374 6.43 -29.91 -16.47
C ASN C 374 5.87 -30.26 -17.84
N MET C 375 4.60 -30.63 -17.90
CA MET C 375 3.87 -30.87 -19.14
C MET C 375 2.49 -30.26 -19.05
N PHE C 376 2.40 -29.03 -18.54
CA PHE C 376 1.14 -28.32 -18.54
C PHE C 376 0.70 -28.02 -19.98
N GLU C 377 -0.59 -28.13 -20.22
CA GLU C 377 -1.19 -27.98 -21.52
C GLU C 377 -2.20 -26.84 -21.50
N GLY C 378 -2.65 -26.43 -22.68
CA GLY C 378 -3.74 -25.49 -22.79
C GLY C 378 -3.30 -24.04 -22.73
N GLU C 379 -4.32 -23.18 -22.78
CA GLU C 379 -4.14 -21.75 -22.80
C GLU C 379 -3.78 -21.21 -21.43
N LEU C 380 -2.82 -20.29 -21.40
CA LEU C 380 -2.56 -19.48 -20.22
C LEU C 380 -3.87 -18.86 -19.75
N PRO C 381 -4.32 -19.19 -18.54
CA PRO C 381 -5.60 -18.66 -18.09
C PRO C 381 -5.57 -17.14 -18.01
N LYS C 382 -6.61 -16.52 -18.56
CA LYS C 382 -6.62 -15.07 -18.68
C LYS C 382 -6.71 -14.38 -17.32
N SER C 383 -7.16 -15.09 -16.28
CA SER C 383 -7.15 -14.52 -14.93
C SER C 383 -5.75 -14.13 -14.50
N LEU C 384 -4.74 -14.80 -15.05
CA LEU C 384 -3.37 -14.55 -14.64
C LEU C 384 -2.90 -13.17 -15.06
N THR C 385 -3.52 -12.58 -16.09
CA THR C 385 -3.21 -11.21 -16.47
C THR C 385 -3.84 -10.18 -15.55
N ARG C 386 -4.76 -10.61 -14.68
CA ARG C 386 -5.33 -9.70 -13.69
C ARG C 386 -4.86 -10.03 -12.29
N CYS C 387 -3.71 -10.69 -12.18
CA CYS C 387 -3.06 -11.00 -10.90
C CYS C 387 -2.23 -9.80 -10.48
N GLU C 388 -2.79 -8.95 -9.61
CA GLU C 388 -2.18 -7.66 -9.38
C GLU C 388 -0.84 -7.75 -8.64
N SER C 389 -0.62 -8.81 -7.90
CA SER C 389 0.58 -8.93 -7.09
C SER C 389 1.70 -9.70 -7.78
N LEU C 390 1.48 -10.19 -9.00
CA LEU C 390 2.42 -11.10 -9.64
C LEU C 390 3.71 -10.37 -9.99
N TRP C 391 4.83 -11.00 -9.69
CA TRP C 391 6.15 -10.38 -9.72
C TRP C 391 7.18 -11.21 -10.47
N ARG C 392 7.16 -12.53 -10.31
CA ARG C 392 8.05 -13.46 -10.99
C ARG C 392 7.24 -14.63 -11.51
N PHE C 393 7.30 -14.85 -12.82
CA PHE C 393 6.51 -15.88 -13.49
C PHE C 393 7.44 -16.69 -14.39
N ARG C 394 7.74 -17.91 -13.99
CA ARG C 394 8.63 -18.80 -14.73
C ARG C 394 7.91 -20.09 -15.08
N SER C 395 7.55 -20.18 -16.35
CA SER C 395 6.74 -21.28 -16.84
C SER C 395 7.32 -21.92 -18.10
N GLN C 396 8.62 -21.78 -18.32
CA GLN C 396 9.22 -22.35 -19.53
C GLN C 396 9.12 -23.89 -19.50
N ASN C 397 9.42 -24.50 -20.65
CA ASN C 397 9.49 -25.96 -20.84
C ASN C 397 8.21 -26.65 -20.40
N ASN C 398 7.12 -26.28 -21.07
CA ASN C 398 5.82 -26.93 -20.94
C ASN C 398 5.22 -27.05 -22.33
N ARG C 399 3.90 -27.23 -22.40
CA ARG C 399 3.18 -27.39 -23.66
C ARG C 399 2.01 -26.42 -23.78
N LEU C 400 2.19 -25.20 -23.31
CA LEU C 400 1.08 -24.26 -23.31
C LEU C 400 0.84 -23.74 -24.74
N ASN C 401 -0.42 -23.81 -25.19
CA ASN C 401 -0.76 -23.45 -26.56
C ASN C 401 -1.61 -22.17 -26.58
N GLY C 402 -2.09 -21.81 -27.78
CA GLY C 402 -2.90 -20.62 -27.93
C GLY C 402 -2.08 -19.33 -27.98
N THR C 403 -2.79 -18.23 -27.78
CA THR C 403 -2.22 -16.89 -27.79
C THR C 403 -1.98 -16.44 -26.36
N ILE C 404 -0.72 -16.19 -26.00
CA ILE C 404 -0.35 -15.47 -24.79
C ILE C 404 -1.30 -14.29 -24.63
N PRO C 405 -2.17 -14.30 -23.62
CA PRO C 405 -3.23 -13.29 -23.52
C PRO C 405 -2.70 -11.87 -23.34
N ILE C 406 -3.59 -10.92 -23.59
CA ILE C 406 -3.26 -9.51 -23.45
C ILE C 406 -3.69 -9.06 -22.06
N GLY C 407 -2.81 -8.34 -21.37
CA GLY C 407 -3.13 -7.85 -20.06
C GLY C 407 -1.95 -7.88 -19.12
N PHE C 408 -0.84 -8.50 -19.54
CA PHE C 408 0.30 -8.59 -18.64
C PHE C 408 0.96 -7.24 -18.44
N GLY C 409 0.91 -6.36 -19.45
CA GLY C 409 1.56 -5.07 -19.30
C GLY C 409 0.88 -4.14 -18.34
N SER C 410 -0.23 -4.53 -17.74
CA SER C 410 -0.98 -3.71 -16.79
C SER C 410 -0.72 -4.12 -15.34
N LEU C 411 0.09 -5.15 -15.12
CA LEU C 411 0.54 -5.50 -13.79
C LEU C 411 1.73 -4.62 -13.44
N ARG C 412 1.71 -4.10 -12.21
CA ARG C 412 2.60 -3.02 -11.86
C ARG C 412 3.82 -3.46 -11.07
N ASN C 413 3.95 -4.74 -10.77
CA ASN C 413 5.14 -5.23 -10.10
C ASN C 413 5.73 -6.44 -10.82
N LEU C 414 5.35 -6.66 -12.07
CA LEU C 414 5.80 -7.85 -12.79
C LEU C 414 7.14 -7.58 -13.43
N THR C 415 8.18 -8.29 -13.00
CA THR C 415 9.51 -7.96 -13.41
C THR C 415 10.25 -9.08 -14.10
N PHE C 416 9.82 -10.33 -13.93
CA PHE C 416 10.49 -11.50 -14.49
C PHE C 416 9.47 -12.44 -15.10
N VAL C 417 9.54 -12.64 -16.41
CA VAL C 417 8.63 -13.53 -17.12
C VAL C 417 9.43 -14.41 -18.07
N ASP C 418 9.29 -15.71 -17.91
CA ASP C 418 9.86 -16.70 -18.82
C ASP C 418 8.73 -17.62 -19.26
N LEU C 419 8.35 -17.51 -20.54
CA LEU C 419 7.37 -18.39 -21.18
C LEU C 419 8.00 -19.16 -22.33
N SER C 420 9.32 -19.22 -22.40
CA SER C 420 10.02 -19.87 -23.49
C SER C 420 9.74 -21.38 -23.51
N ASN C 421 10.21 -22.01 -24.59
CA ASN C 421 10.03 -23.43 -24.86
C ASN C 421 8.64 -23.91 -24.47
N ASN C 422 7.65 -23.28 -25.09
CA ASN C 422 6.27 -23.74 -25.04
C ASN C 422 5.72 -23.86 -26.47
N ARG C 423 4.41 -23.71 -26.61
CA ARG C 423 3.73 -23.92 -27.88
C ARG C 423 2.80 -22.77 -28.21
N PHE C 424 3.22 -21.55 -27.88
CA PHE C 424 2.38 -20.38 -28.11
C PHE C 424 2.31 -20.02 -29.59
N THR C 425 1.10 -19.77 -30.06
CA THR C 425 0.98 -19.39 -31.46
C THR C 425 0.41 -18.00 -31.60
N ASP C 426 -0.10 -17.73 -32.80
CA ASP C 426 -0.37 -16.41 -33.35
C ASP C 426 0.53 -15.34 -32.73
N GLN C 427 -0.02 -14.28 -32.16
CA GLN C 427 0.79 -13.07 -31.99
C GLN C 427 1.40 -13.00 -30.58
N ILE C 428 2.12 -11.90 -30.36
CA ILE C 428 2.83 -11.62 -29.12
C ILE C 428 2.13 -10.42 -28.48
N PRO C 429 1.66 -10.52 -27.24
CA PRO C 429 0.93 -9.39 -26.66
C PRO C 429 1.70 -8.08 -26.75
N ALA C 430 1.02 -7.05 -27.25
CA ALA C 430 1.64 -5.76 -27.47
C ALA C 430 1.83 -4.96 -26.18
N ASP C 431 1.11 -5.31 -25.10
CA ASP C 431 1.26 -4.55 -23.87
C ASP C 431 2.53 -4.90 -23.11
N PHE C 432 3.20 -5.99 -23.48
CA PHE C 432 4.52 -6.27 -22.90
C PHE C 432 5.44 -5.07 -23.05
N ALA C 433 5.41 -4.43 -24.22
CA ALA C 433 6.26 -3.28 -24.45
C ALA C 433 5.96 -2.13 -23.50
N THR C 434 4.82 -2.14 -22.82
CA THR C 434 4.50 -1.07 -21.88
C THR C 434 4.40 -1.59 -20.45
N ALA C 435 4.96 -2.77 -20.18
CA ALA C 435 5.03 -3.26 -18.81
C ALA C 435 5.91 -2.33 -17.97
N PRO C 436 5.46 -1.90 -16.79
CA PRO C 436 6.18 -0.82 -16.10
C PRO C 436 7.53 -1.23 -15.51
N VAL C 437 7.70 -2.46 -15.04
CA VAL C 437 8.93 -2.80 -14.30
C VAL C 437 9.58 -4.05 -14.88
N LEU C 438 9.00 -4.56 -15.95
CA LEU C 438 9.47 -5.80 -16.54
C LEU C 438 10.94 -5.71 -16.90
N GLN C 439 11.75 -6.60 -16.32
CA GLN C 439 13.20 -6.61 -16.52
C GLN C 439 13.72 -7.75 -17.38
N TYR C 440 13.06 -8.90 -17.36
CA TYR C 440 13.46 -10.10 -18.08
C TYR C 440 12.24 -10.65 -18.79
N LEU C 441 12.37 -10.93 -20.08
CA LEU C 441 11.29 -11.55 -20.83
C LEU C 441 11.92 -12.48 -21.85
N ASN C 442 11.53 -13.75 -21.86
CA ASN C 442 12.24 -14.63 -22.77
C ASN C 442 11.45 -14.93 -24.06
N LEU C 443 10.41 -15.77 -24.02
CA LEU C 443 9.58 -16.05 -25.21
C LEU C 443 10.27 -16.86 -26.31
N SER C 444 11.53 -17.27 -26.15
CA SER C 444 12.20 -18.09 -27.14
C SER C 444 11.48 -19.45 -27.33
N THR C 445 11.66 -20.04 -28.53
CA THR C 445 11.20 -21.40 -28.78
C THR C 445 9.69 -21.52 -28.63
N ASN C 446 8.91 -21.10 -29.64
CA ASN C 446 7.49 -21.03 -29.36
C ASN C 446 6.50 -21.10 -30.53
N PHE C 447 6.90 -20.78 -31.77
CA PHE C 447 5.98 -20.86 -32.93
C PHE C 447 4.99 -19.69 -33.10
N PHE C 448 5.48 -18.44 -33.09
CA PHE C 448 4.61 -17.27 -33.23
C PHE C 448 4.14 -17.04 -34.67
N HIS C 449 5.04 -17.11 -35.63
CA HIS C 449 4.69 -16.85 -37.03
C HIS C 449 4.10 -15.45 -37.21
N ARG C 450 4.51 -14.50 -36.38
CA ARG C 450 4.14 -13.10 -36.56
C ARG C 450 5.35 -12.19 -36.33
N LYS C 451 5.10 -10.90 -36.44
CA LYS C 451 6.17 -9.92 -36.32
C LYS C 451 6.42 -9.61 -34.84
N LEU C 452 7.62 -9.13 -34.55
CA LEU C 452 7.84 -8.54 -33.23
C LEU C 452 6.87 -7.38 -33.02
N PRO C 453 6.36 -7.19 -31.82
CA PRO C 453 5.45 -6.07 -31.58
C PRO C 453 6.19 -4.79 -31.97
N GLU C 454 5.56 -3.97 -32.80
CA GLU C 454 6.32 -2.85 -33.38
C GLU C 454 6.96 -1.92 -32.31
N ASN C 455 6.45 -1.89 -31.09
CA ASN C 455 7.14 -1.05 -30.10
C ASN C 455 7.81 -1.87 -28.97
N ILE C 456 8.35 -3.07 -29.29
CA ILE C 456 9.00 -3.96 -28.31
C ILE C 456 10.18 -3.28 -27.63
N TRP C 457 10.93 -2.44 -28.34
CA TRP C 457 12.02 -1.76 -27.67
C TRP C 457 11.33 -0.77 -26.75
N LYS C 458 11.66 0.49 -26.82
CA LYS C 458 10.86 1.53 -26.17
C LYS C 458 10.39 1.26 -24.74
N ALA C 459 10.53 0.02 -24.28
CA ALA C 459 10.08 -0.42 -22.97
C ALA C 459 10.95 0.27 -21.93
N PRO C 460 10.47 0.37 -20.68
CA PRO C 460 11.23 1.17 -19.71
C PRO C 460 12.40 0.45 -19.05
N ASN C 461 12.17 -0.68 -18.37
CA ASN C 461 13.25 -1.39 -17.70
C ASN C 461 13.58 -2.80 -18.23
N LEU C 462 13.19 -3.15 -19.46
CA LEU C 462 13.59 -4.44 -20.01
C LEU C 462 15.10 -4.48 -20.27
N GLN C 463 15.81 -5.36 -19.56
CA GLN C 463 17.25 -5.56 -19.69
C GLN C 463 17.62 -6.78 -20.52
N ILE C 464 16.84 -7.85 -20.47
CA ILE C 464 17.13 -9.10 -21.14
C ILE C 464 15.88 -9.53 -21.92
N PHE C 465 15.99 -9.60 -23.25
CA PHE C 465 14.86 -10.05 -24.07
C PHE C 465 15.37 -11.11 -25.04
N SER C 466 14.69 -12.27 -25.09
CA SER C 466 15.26 -13.43 -25.74
C SER C 466 14.23 -14.23 -26.55
N ALA C 467 13.65 -13.63 -27.58
CA ALA C 467 12.70 -14.32 -28.46
C ALA C 467 13.39 -15.04 -29.62
N SER C 468 14.19 -16.05 -29.29
CA SER C 468 14.96 -16.78 -30.30
C SER C 468 14.30 -18.11 -30.68
N PHE C 469 14.40 -18.46 -31.97
CA PHE C 469 13.79 -19.67 -32.49
C PHE C 469 12.30 -19.73 -32.13
N SER C 470 11.64 -18.59 -32.22
CA SER C 470 10.22 -18.51 -31.94
C SER C 470 9.42 -18.23 -33.20
N ASN C 471 9.97 -18.60 -34.36
CA ASN C 471 9.33 -18.40 -35.66
C ASN C 471 8.87 -16.96 -35.86
N LEU C 472 9.76 -16.02 -35.60
CA LEU C 472 9.45 -14.63 -35.91
C LEU C 472 9.64 -14.35 -37.40
N ILE C 473 8.89 -13.36 -37.90
CA ILE C 473 8.95 -12.96 -39.31
C ILE C 473 8.93 -11.43 -39.39
N GLY C 474 9.20 -10.93 -40.59
CA GLY C 474 9.13 -9.51 -40.82
C GLY C 474 10.39 -8.78 -40.40
N GLU C 475 10.30 -7.44 -40.45
CA GLU C 475 11.47 -6.64 -40.12
C GLU C 475 11.57 -6.42 -38.62
N ILE C 476 12.74 -5.98 -38.21
CA ILE C 476 13.01 -5.60 -36.83
C ILE C 476 12.61 -4.13 -36.66
N PRO C 477 11.69 -3.82 -35.76
CA PRO C 477 11.34 -2.40 -35.52
C PRO C 477 12.53 -1.55 -35.13
N ASN C 478 12.40 -0.25 -35.39
CA ASN C 478 13.46 0.71 -35.09
C ASN C 478 13.79 0.74 -33.61
N TYR C 479 15.08 0.88 -33.30
CA TYR C 479 15.53 0.86 -31.92
C TYR C 479 15.33 2.20 -31.24
N VAL C 480 14.15 2.80 -31.39
CA VAL C 480 13.84 4.05 -30.68
C VAL C 480 13.80 3.79 -29.18
N GLY C 481 14.55 4.59 -28.41
CA GLY C 481 14.54 4.48 -26.97
C GLY C 481 15.57 3.51 -26.45
N CYS C 482 15.22 2.23 -26.44
CA CYS C 482 16.16 1.16 -26.09
C CYS C 482 16.89 1.46 -24.79
N LYS C 483 16.11 1.75 -23.73
CA LYS C 483 16.69 2.42 -22.57
C LYS C 483 17.56 1.50 -21.73
N SER C 484 17.06 0.33 -21.36
CA SER C 484 17.78 -0.49 -20.40
C SER C 484 18.25 -1.83 -20.94
N PHE C 485 17.92 -2.19 -22.17
CA PHE C 485 18.39 -3.43 -22.74
C PHE C 485 19.90 -3.56 -22.62
N TYR C 486 20.36 -4.71 -22.12
CA TYR C 486 21.76 -5.08 -22.28
C TYR C 486 21.97 -6.46 -22.91
N ARG C 487 20.92 -7.29 -23.03
CA ARG C 487 21.01 -8.50 -23.81
C ARG C 487 19.76 -8.67 -24.66
N ILE C 488 19.98 -8.90 -25.95
CA ILE C 488 18.95 -9.06 -26.96
C ILE C 488 19.26 -10.34 -27.74
N GLU C 489 18.35 -11.31 -27.71
CA GLU C 489 18.48 -12.56 -28.45
C GLU C 489 17.30 -12.72 -29.39
N LEU C 490 17.55 -12.65 -30.70
CA LEU C 490 16.52 -12.86 -31.72
C LEU C 490 16.98 -13.88 -32.76
N GLN C 491 18.01 -14.66 -32.46
CA GLN C 491 18.59 -15.56 -33.44
C GLN C 491 17.60 -16.63 -33.87
N GLY C 492 17.82 -17.16 -35.08
CA GLY C 492 17.13 -18.35 -35.56
C GLY C 492 15.66 -18.17 -35.86
N ASN C 493 15.30 -17.08 -36.52
CA ASN C 493 13.94 -16.87 -36.97
C ASN C 493 13.97 -16.64 -38.47
N SER C 494 13.01 -15.87 -38.97
CA SER C 494 13.00 -15.47 -40.38
C SER C 494 12.95 -13.95 -40.50
N LEU C 495 13.59 -13.23 -39.58
CA LEU C 495 13.61 -11.77 -39.65
C LEU C 495 14.28 -11.30 -40.93
N ASN C 496 13.54 -10.60 -41.80
CA ASN C 496 14.08 -10.10 -43.05
C ASN C 496 14.25 -8.58 -42.98
N GLY C 497 14.55 -7.95 -44.11
CA GLY C 497 14.86 -6.53 -44.12
C GLY C 497 16.27 -6.24 -43.64
N THR C 498 16.51 -4.98 -43.28
CA THR C 498 17.82 -4.52 -42.83
C THR C 498 17.82 -4.32 -41.32
N ILE C 499 18.99 -4.51 -40.71
CA ILE C 499 19.22 -4.18 -39.30
C ILE C 499 19.05 -2.69 -39.13
N PRO C 500 18.16 -2.24 -38.25
CA PRO C 500 17.94 -0.80 -38.08
C PRO C 500 19.24 -0.05 -37.75
N TRP C 501 19.41 1.08 -38.41
CA TRP C 501 20.58 1.93 -38.37
C TRP C 501 20.62 2.82 -37.14
N ASP C 502 19.63 2.76 -36.27
CA ASP C 502 19.60 3.57 -35.06
C ASP C 502 19.84 2.73 -33.82
N ILE C 503 20.62 1.66 -33.96
CA ILE C 503 20.89 0.75 -32.85
C ILE C 503 21.76 1.38 -31.78
N GLY C 504 22.38 2.54 -32.06
CA GLY C 504 23.16 3.24 -31.06
C GLY C 504 22.34 3.84 -29.95
N HIS C 505 21.00 3.79 -30.05
CA HIS C 505 20.16 4.13 -28.93
C HIS C 505 20.31 3.11 -27.80
N CYS C 506 20.77 1.89 -28.10
CA CYS C 506 20.91 0.85 -27.09
C CYS C 506 22.26 1.00 -26.38
N GLU C 507 22.36 2.05 -25.55
CA GLU C 507 23.64 2.36 -24.90
C GLU C 507 24.06 1.35 -23.83
N LYS C 508 23.13 0.55 -23.30
CA LYS C 508 23.48 -0.44 -22.30
C LYS C 508 23.72 -1.82 -22.88
N LEU C 509 23.55 -1.98 -24.19
CA LEU C 509 23.72 -3.27 -24.85
C LEU C 509 25.13 -3.84 -24.64
N LEU C 510 25.18 -5.13 -24.39
CA LEU C 510 26.40 -5.90 -24.21
C LEU C 510 26.49 -7.10 -25.16
N CYS C 511 25.37 -7.79 -25.40
CA CYS C 511 25.30 -8.96 -26.25
C CYS C 511 24.09 -8.84 -27.18
N LEU C 512 24.33 -9.03 -28.47
CA LEU C 512 23.32 -8.97 -29.50
C LEU C 512 23.47 -10.20 -30.36
N ASN C 513 22.39 -10.98 -30.52
CA ASN C 513 22.47 -12.15 -31.41
C ASN C 513 21.32 -12.08 -32.41
N LEU C 514 21.66 -11.78 -33.66
CA LEU C 514 20.68 -11.76 -34.75
C LEU C 514 21.04 -12.78 -35.82
N SER C 515 21.84 -13.78 -35.46
CA SER C 515 22.30 -14.79 -36.40
C SER C 515 21.14 -15.68 -36.86
N GLN C 516 21.37 -16.38 -37.96
CA GLN C 516 20.39 -17.30 -38.52
C GLN C 516 19.02 -16.64 -38.72
N ASN C 517 19.03 -15.62 -39.57
CA ASN C 517 17.82 -14.96 -40.04
C ASN C 517 17.94 -14.75 -41.55
N HIS C 518 17.17 -13.80 -42.08
CA HIS C 518 17.25 -13.38 -43.47
C HIS C 518 17.57 -11.90 -43.57
N LEU C 519 18.44 -11.40 -42.70
CA LEU C 519 18.74 -9.99 -42.72
C LEU C 519 19.74 -9.70 -43.84
N ASN C 520 19.38 -8.77 -44.69
CA ASN C 520 20.19 -8.31 -45.80
C ASN C 520 20.67 -6.89 -45.50
N GLY C 521 21.40 -6.30 -46.46
CA GLY C 521 21.84 -4.95 -46.29
C GLY C 521 23.17 -4.88 -45.55
N ILE C 522 23.47 -3.68 -45.08
CA ILE C 522 24.76 -3.36 -44.51
C ILE C 522 24.75 -3.55 -43.00
N ILE C 523 25.94 -3.59 -42.41
CA ILE C 523 26.07 -3.60 -40.96
C ILE C 523 25.88 -2.17 -40.50
N PRO C 524 24.94 -1.89 -39.61
CA PRO C 524 24.73 -0.52 -39.15
C PRO C 524 25.98 0.01 -38.45
N TRP C 525 26.59 1.02 -39.07
CA TRP C 525 27.79 1.66 -38.55
C TRP C 525 27.59 2.17 -37.12
N GLU C 526 26.35 2.53 -36.76
CA GLU C 526 26.12 3.05 -35.43
C GLU C 526 26.40 2.05 -34.33
N ILE C 527 26.65 0.78 -34.68
CA ILE C 527 27.17 -0.17 -33.70
C ILE C 527 28.46 0.36 -33.07
N SER C 528 29.28 1.07 -33.83
CA SER C 528 30.54 1.56 -33.32
C SER C 528 30.34 2.64 -32.26
N THR C 529 29.10 3.10 -32.08
CA THR C 529 28.72 4.05 -31.03
C THR C 529 28.19 3.32 -29.81
N LEU C 530 28.85 2.26 -29.38
CA LEU C 530 28.32 1.50 -28.25
C LEU C 530 29.38 1.42 -27.17
N PRO C 531 29.20 2.17 -26.11
CA PRO C 531 30.20 2.24 -25.04
C PRO C 531 30.62 0.90 -24.47
N SER C 532 29.75 -0.11 -24.58
CA SER C 532 30.01 -1.35 -23.87
C SER C 532 29.75 -2.61 -24.66
N ILE C 533 29.36 -2.52 -25.95
CA ILE C 533 29.04 -3.72 -26.70
C ILE C 533 30.23 -4.67 -26.67
N ALA C 534 29.97 -5.93 -26.30
CA ALA C 534 31.02 -6.94 -26.22
C ALA C 534 30.81 -8.13 -27.15
N ASP C 535 29.62 -8.70 -27.19
CA ASP C 535 29.37 -9.89 -28.00
C ASP C 535 28.36 -9.54 -29.08
N VAL C 536 28.73 -9.76 -30.33
CA VAL C 536 27.85 -9.49 -31.47
C VAL C 536 27.89 -10.71 -32.38
N ASP C 537 26.71 -11.23 -32.73
CA ASP C 537 26.61 -12.34 -33.67
C ASP C 537 25.57 -12.01 -34.73
N LEU C 538 26.03 -11.79 -35.96
CA LEU C 538 25.18 -11.52 -37.13
C LEU C 538 25.34 -12.63 -38.17
N SER C 539 25.88 -13.79 -37.78
CA SER C 539 26.25 -14.84 -38.71
C SER C 539 25.02 -15.49 -39.34
N HIS C 540 25.25 -16.24 -40.42
CA HIS C 540 24.18 -16.90 -41.18
C HIS C 540 23.06 -15.92 -41.52
N ASN C 541 23.42 -14.90 -42.29
CA ASN C 541 22.42 -14.01 -42.86
C ASN C 541 22.72 -13.79 -44.33
N LEU C 542 22.28 -12.65 -44.85
CA LEU C 542 22.55 -12.23 -46.21
C LEU C 542 23.11 -10.82 -46.21
N LEU C 543 23.96 -10.49 -45.25
CA LEU C 543 24.47 -9.13 -45.19
C LEU C 543 25.51 -8.90 -46.28
N THR C 544 25.66 -7.65 -46.67
CA THR C 544 26.61 -7.25 -47.71
C THR C 544 27.32 -5.99 -47.23
N GLY C 545 28.42 -5.63 -47.92
CA GLY C 545 29.27 -4.48 -47.59
C GLY C 545 30.51 -4.83 -46.76
N THR C 546 31.34 -3.83 -46.54
CA THR C 546 32.46 -3.95 -45.61
C THR C 546 31.95 -3.97 -44.17
N ILE C 547 32.82 -4.41 -43.27
CA ILE C 547 32.75 -4.06 -41.87
C ILE C 547 33.27 -2.64 -41.66
N PRO C 548 32.45 -1.71 -41.14
CA PRO C 548 32.94 -0.35 -40.91
C PRO C 548 34.28 -0.32 -40.20
N SER C 549 35.30 0.23 -40.85
CA SER C 549 36.66 0.27 -40.32
C SER C 549 36.75 0.82 -38.90
N ASP C 550 35.77 1.62 -38.46
CA ASP C 550 35.84 2.18 -37.11
C ASP C 550 35.72 1.12 -36.03
N PHE C 551 35.11 -0.03 -36.34
CA PHE C 551 35.00 -1.12 -35.39
C PHE C 551 36.35 -1.48 -34.78
N GLY C 552 37.44 -1.23 -35.51
CA GLY C 552 38.75 -1.45 -34.94
C GLY C 552 39.09 -0.54 -33.77
N SER C 553 38.30 0.51 -33.53
CA SER C 553 38.50 1.37 -32.38
C SER C 553 37.70 0.94 -31.16
N SER C 554 36.74 0.05 -31.32
CA SER C 554 35.99 -0.38 -30.15
C SER C 554 36.95 -1.01 -29.15
N LYS C 555 36.95 -0.48 -27.93
CA LYS C 555 37.77 -1.07 -26.87
C LYS C 555 36.93 -1.97 -25.97
N THR C 556 35.94 -2.65 -26.53
CA THR C 556 35.06 -3.53 -25.76
C THR C 556 34.62 -4.77 -26.52
N ILE C 557 34.65 -4.77 -27.85
CA ILE C 557 34.18 -5.92 -28.60
C ILE C 557 35.13 -7.09 -28.36
N THR C 558 34.58 -8.19 -27.88
CA THR C 558 35.32 -9.42 -27.70
C THR C 558 34.95 -10.48 -28.72
N THR C 559 33.69 -10.49 -29.18
CA THR C 559 33.23 -11.41 -30.20
C THR C 559 32.48 -10.64 -31.27
N PHE C 560 32.76 -10.96 -32.53
CA PHE C 560 32.11 -10.32 -33.65
C PHE C 560 31.93 -11.41 -34.71
N ASN C 561 30.97 -12.30 -34.51
CA ASN C 561 30.79 -13.39 -35.47
C ASN C 561 29.90 -12.90 -36.60
N VAL C 562 30.46 -12.94 -37.82
CA VAL C 562 29.83 -12.32 -38.98
C VAL C 562 29.90 -13.30 -40.15
N SER C 563 30.35 -14.53 -39.86
CA SER C 563 30.53 -15.59 -40.84
C SER C 563 29.22 -15.92 -41.57
N TYR C 564 29.36 -16.65 -42.68
CA TYR C 564 28.25 -17.05 -43.56
C TYR C 564 27.35 -15.85 -43.92
N ASN C 565 27.99 -14.86 -44.53
CA ASN C 565 27.28 -13.71 -45.06
C ASN C 565 27.88 -13.40 -46.42
N GLN C 566 27.51 -12.27 -47.00
CA GLN C 566 28.06 -11.85 -48.27
C GLN C 566 28.84 -10.54 -48.15
N LEU C 567 29.66 -10.44 -47.10
CA LEU C 567 30.41 -9.21 -46.92
C LEU C 567 31.58 -9.14 -47.89
N ILE C 568 32.13 -7.93 -48.05
CA ILE C 568 33.24 -7.64 -48.95
C ILE C 568 34.23 -6.72 -48.25
N GLY C 569 35.47 -6.70 -48.76
CA GLY C 569 36.43 -5.72 -48.32
C GLY C 569 37.35 -6.15 -47.20
N PRO C 570 38.20 -5.24 -46.74
CA PRO C 570 39.14 -5.57 -45.67
C PRO C 570 38.47 -5.71 -44.31
N ILE C 571 39.00 -6.63 -43.52
CA ILE C 571 38.68 -6.68 -42.09
C ILE C 571 39.44 -5.55 -41.38
N PRO C 572 38.81 -4.86 -40.42
CA PRO C 572 39.50 -3.80 -39.69
C PRO C 572 40.61 -4.38 -38.85
N SER C 573 41.53 -3.50 -38.45
CA SER C 573 42.62 -3.87 -37.56
C SER C 573 42.38 -3.27 -36.16
N GLY C 574 43.45 -2.85 -35.48
CA GLY C 574 43.34 -2.24 -34.18
C GLY C 574 42.88 -3.20 -33.10
N SER C 575 41.59 -3.17 -32.79
CA SER C 575 41.00 -4.04 -31.79
C SER C 575 40.38 -5.26 -32.43
N PHE C 576 40.63 -5.47 -33.71
CA PHE C 576 40.15 -6.62 -34.42
C PHE C 576 41.28 -7.53 -34.86
N ALA C 577 42.53 -7.11 -34.65
CA ALA C 577 43.68 -7.85 -35.13
C ALA C 577 43.91 -9.15 -34.37
N HIS C 578 43.21 -9.36 -33.26
CA HIS C 578 43.39 -10.56 -32.46
C HIS C 578 42.07 -11.32 -32.28
N LEU C 579 41.16 -11.20 -33.25
CA LEU C 579 39.88 -11.90 -33.18
C LEU C 579 39.94 -13.22 -33.93
N ASN C 580 38.95 -14.08 -33.68
CA ASN C 580 38.97 -15.43 -34.23
C ASN C 580 38.74 -15.39 -35.73
N PRO C 581 39.67 -15.90 -36.55
CA PRO C 581 39.40 -16.03 -37.99
C PRO C 581 38.06 -16.68 -38.28
N SER C 582 37.62 -17.63 -37.45
CA SER C 582 36.35 -18.33 -37.69
C SER C 582 35.20 -17.37 -37.90
N PHE C 583 35.28 -16.19 -37.27
CA PHE C 583 34.22 -15.19 -37.31
C PHE C 583 33.97 -14.65 -38.70
N PHE C 584 34.67 -15.20 -39.70
CA PHE C 584 34.56 -14.82 -41.10
C PHE C 584 34.48 -16.08 -41.98
N SER C 585 33.91 -15.88 -43.16
CA SER C 585 33.65 -16.93 -44.14
C SER C 585 33.04 -16.38 -45.40
N SER C 586 33.19 -15.08 -45.62
CA SER C 586 32.58 -14.36 -46.71
C SER C 586 33.67 -13.95 -47.69
N ASN C 587 33.36 -13.96 -49.00
CA ASN C 587 34.36 -13.72 -50.05
C ASN C 587 35.04 -12.33 -49.93
N GLU C 588 36.10 -12.25 -49.11
CA GLU C 588 36.81 -11.00 -48.77
C GLU C 588 37.80 -11.29 -47.65
N GLY C 589 38.83 -10.47 -47.44
CA GLY C 589 39.65 -10.60 -46.26
C GLY C 589 41.01 -9.93 -46.38
N LEU C 590 41.63 -9.72 -45.20
CA LEU C 590 42.98 -9.14 -45.04
C LEU C 590 43.86 -10.22 -44.40
N CYS C 591 45.01 -9.82 -43.84
CA CYS C 591 45.99 -10.72 -43.26
C CYS C 591 45.39 -11.72 -42.26
N GLY C 592 44.26 -11.37 -41.62
CA GLY C 592 43.61 -12.25 -40.66
C GLY C 592 43.42 -13.67 -41.15
N ASP C 593 43.63 -13.90 -42.45
CA ASP C 593 43.53 -15.17 -43.16
C ASP C 593 44.12 -15.09 -44.58
N LEU C 594 43.52 -14.35 -45.48
CA LEU C 594 43.94 -14.34 -46.89
C LEU C 594 44.26 -12.95 -47.41
N VAL C 595 45.40 -12.83 -48.10
CA VAL C 595 45.97 -11.56 -48.57
C VAL C 595 44.90 -10.73 -49.27
N GLY C 596 45.10 -9.42 -49.36
CA GLY C 596 44.09 -8.58 -49.94
C GLY C 596 44.62 -7.18 -50.10
N HIS D 1 28.41 -18.37 17.55
CA HIS D 1 28.29 -18.07 16.14
C HIS D 1 26.82 -18.13 15.72
N GLU D 2 26.48 -17.53 14.58
CA GLU D 2 25.07 -17.52 14.21
C GLU D 2 24.60 -18.88 13.73
N VAL D 3 23.30 -19.15 13.93
CA VAL D 3 22.68 -20.42 13.57
C VAL D 3 21.37 -20.16 12.84
N HYP D 4 21.18 -20.82 11.70
CA HYP D 4 19.99 -20.62 10.91
C HYP D 4 18.76 -21.24 11.54
O HYP D 4 18.83 -22.30 12.12
CB HYP D 4 20.26 -21.28 9.57
CG HYP D 4 21.66 -21.85 9.60
CD HYP D 4 22.17 -21.68 11.02
OD1 HYP D 4 22.41 -21.03 8.75
N SER D 5 17.64 -20.54 11.42
CA SER D 5 16.35 -21.02 11.90
C SER D 5 15.31 -20.81 10.80
N GLY D 6 14.11 -21.37 11.01
CA GLY D 6 13.03 -21.25 10.06
C GLY D 6 13.03 -22.32 8.98
N HYP D 7 12.16 -22.15 8.00
CA HYP D 7 12.07 -23.09 6.91
C HYP D 7 13.21 -22.93 5.89
O HYP D 7 13.98 -21.97 5.91
CB HYP D 7 10.74 -22.76 6.25
CG HYP D 7 10.37 -21.36 6.68
CD HYP D 7 11.18 -21.05 7.93
OD1 HYP D 7 9.00 -21.33 6.95
N ASN D 8 13.33 -23.91 5.01
CA ASN D 8 14.39 -23.94 3.99
C ASN D 8 14.26 -22.75 3.02
N PRO D 9 15.29 -21.91 3.03
CA PRO D 9 15.23 -20.68 2.21
C PRO D 9 15.35 -20.94 0.70
N ILE D 10 15.80 -22.13 0.29
CA ILE D 10 15.98 -22.47 -1.12
C ILE D 10 14.78 -22.07 -1.98
N SER D 11 15.05 -21.46 -3.15
CA SER D 11 13.95 -21.11 -4.05
C SER D 11 14.45 -20.92 -5.49
N ASN D 12 13.49 -20.84 -6.42
CA ASN D 12 13.80 -20.76 -7.85
C ASN D 12 13.58 -19.39 -8.49
C1 NAG E . -21.10 8.33 -27.22
C2 NAG E . -21.73 7.15 -26.45
C3 NAG E . -21.16 7.04 -25.06
C4 NAG E . -19.64 6.93 -25.11
C5 NAG E . -19.08 8.15 -25.87
C6 NAG E . -17.60 8.08 -26.07
C7 NAG E . -24.00 6.18 -26.54
C8 NAG E . -25.48 6.47 -26.46
N2 NAG E . -23.18 7.23 -26.39
O3 NAG E . -21.78 5.95 -24.38
O4 NAG E . -19.12 6.93 -23.79
O5 NAG E . -19.63 8.21 -27.19
O6 NAG E . -17.12 8.99 -27.06
O7 NAG E . -23.57 5.06 -26.76
C1 NAG F . -29.50 21.61 22.75
C2 NAG F . -29.78 23.06 23.08
C3 NAG F . -29.22 23.38 24.46
C4 NAG F . -28.98 22.13 25.32
C5 NAG F . -29.91 20.93 25.03
C6 NAG F . -31.23 21.00 25.78
C7 NAG F . -29.98 24.73 21.28
C8 NAG F . -29.22 25.60 20.32
N2 NAG F . -29.23 23.96 22.09
O3 NAG F . -30.10 24.27 25.13
O4 NAG F . -27.64 21.67 25.19
O5 NAG F . -30.22 20.78 23.64
O6 NAG F . -31.75 19.69 26.02
O7 NAG F . -31.22 24.70 21.30
C1 NAG G . -5.32 27.02 18.48
C2 NAG G . -5.65 28.07 17.39
C3 NAG G . -6.33 29.32 17.99
C4 NAG G . -7.50 28.92 18.88
C5 NAG G . -6.95 28.04 19.99
C6 NAG G . -8.00 27.67 21.01
C7 NAG G . -4.14 28.23 15.44
C8 NAG G . -2.82 28.74 14.95
N2 NAG G . -4.42 28.47 16.72
O3 NAG G . -6.79 30.15 16.93
O4 NAG G . -8.20 30.04 19.40
O5 NAG G . -6.46 26.85 19.39
O6 NAG G . -8.52 26.36 20.82
O7 NAG G . -4.93 27.63 14.70
C1 NAG H . 12.48 29.16 36.32
C2 NAG H . 11.85 27.96 37.06
C3 NAG H . 12.77 27.52 38.19
C4 NAG H . 14.14 27.15 37.65
C5 NAG H . 14.74 28.32 36.86
C6 NAG H . 16.03 27.92 36.17
C7 NAG H . 9.53 27.34 37.67
C8 NAG H . 9.86 25.96 37.17
N2 NAG H . 10.52 28.25 37.57
O3 NAG H . 12.22 26.45 38.96
O4 NAG H . 15.03 26.84 38.72
O5 NAG H . 13.84 28.79 35.85
O6 NAG H . 17.03 27.56 37.11
O7 NAG H . 8.43 27.61 38.12
C1 NAG I . -23.56 24.81 14.59
C2 NAG I . -24.92 25.39 14.98
C3 NAG I . -25.22 26.61 14.12
C4 NAG I . -24.06 27.60 14.14
C5 NAG I . -22.75 26.87 13.84
C6 NAG I . -21.49 27.68 13.96
C7 NAG I . -26.30 23.45 15.67
C8 NAG I . -27.56 22.72 15.37
N2 NAG I . -26.03 24.46 14.85
O3 NAG I . -26.46 27.19 14.48
O4 NAG I . -24.29 28.60 13.15
O5 NAG I . -22.59 25.78 14.75
O6 NAG I . -20.37 26.80 13.90
O7 NAG I . -25.55 23.14 16.61
C1 NAG J . 19.23 -9.88 28.06
C2 NAG J . 17.82 -10.50 28.14
C3 NAG J . 17.14 -10.50 26.78
C4 NAG J . 17.09 -9.10 26.20
C5 NAG J . 18.52 -8.57 26.08
C6 NAG J . 18.58 -7.15 25.60
C7 NAG J . 16.97 -12.32 29.60
C8 NAG J . 17.16 -13.74 30.02
N2 NAG J . 17.85 -11.85 28.69
O3 NAG J . 15.83 -11.06 26.92
O4 NAG J . 16.48 -9.14 24.91
O5 NAG J . 19.16 -8.55 27.37
O6 NAG J . 19.82 -6.56 25.89
O7 NAG J . 16.11 -11.62 30.08
C1 NAG K . 8.04 -39.85 -13.68
C2 NAG K . 9.21 -40.47 -14.34
C3 NAG K . 8.81 -41.00 -15.70
C4 NAG K . 7.66 -42.01 -15.59
C5 NAG K . 6.52 -41.56 -14.66
C6 NAG K . 5.66 -42.73 -14.19
C7 NAG K . 11.44 -39.58 -13.82
C8 NAG K . 12.35 -38.41 -13.97
N2 NAG K . 10.25 -39.47 -14.43
O3 NAG K . 9.97 -41.59 -16.30
O4 NAG K . 7.17 -42.35 -16.88
O5 NAG K . 7.03 -40.87 -13.47
O6 NAG K . 4.42 -42.30 -13.65
O7 NAG K . 11.76 -40.61 -13.20
C1 NAG L . 15.65 -18.00 -23.05
C2 NAG L . 17.07 -18.14 -22.42
C3 NAG L . 17.86 -19.30 -23.04
C4 NAG L . 17.03 -20.58 -23.06
C5 NAG L . 15.80 -20.29 -23.90
C6 NAG L . 14.95 -21.52 -24.07
C7 NAG L . 18.07 -16.05 -21.61
C8 NAG L . 18.81 -14.80 -22.03
N2 NAG L . 17.79 -16.89 -22.60
O3 NAG L . 19.07 -19.49 -22.31
O4 NAG L . 17.71 -21.71 -23.59
O5 NAG L . 15.03 -19.32 -23.19
O6 NAG L . 13.83 -21.52 -23.20
O7 NAG L . 17.76 -16.26 -20.44
C1 NAG M . 9.94 -10.19 -46.28
C2 NAG M . 8.46 -10.42 -45.88
C3 NAG M . 7.55 -9.59 -46.78
C4 NAG M . 7.84 -8.11 -46.58
C5 NAG M . 9.30 -7.80 -46.93
C6 NAG M . 10.04 -7.00 -45.88
C7 NAG M . 7.20 -12.46 -45.24
C8 NAG M . 6.54 -11.64 -44.17
N2 NAG M . 8.11 -11.83 -45.99
O3 NAG M . 6.18 -9.88 -46.54
O4 NAG M . 7.01 -7.34 -47.44
O5 NAG M . 10.07 -8.99 -47.18
O6 NAG M . 11.32 -6.60 -46.39
O7 NAG M . 6.94 -13.66 -45.41
C1 NAG N . 14.98 -32.23 -10.70
C2 NAG N . 15.27 -33.74 -10.68
C3 NAG N . 16.76 -33.96 -10.44
C4 NAG N . 17.61 -33.15 -11.41
C5 NAG N . 17.15 -31.68 -11.38
C6 NAG N . 17.82 -30.78 -12.38
C7 NAG N . 13.27 -34.87 -9.78
C8 NAG N . 12.75 -35.69 -8.64
N2 NAG N . 14.53 -34.46 -9.66
O3 NAG N . 17.09 -35.35 -10.44
O4 NAG N . 18.97 -33.23 -10.97
O5 NAG N . 15.76 -31.63 -11.68
O6 NAG N . 17.16 -29.52 -12.35
O7 NAG N . 12.57 -34.58 -10.76
#